data_2PJC
#
_entry.id   2PJC
#
_cell.length_a   66.487
_cell.length_b   95.350
_cell.length_c   135.279
_cell.angle_alpha   90.00
_cell.angle_beta   90.00
_cell.angle_gamma   90.00
#
_symmetry.space_group_name_H-M   'P 21 21 21'
#
loop_
_entity.id
_entity.type
_entity.pdbx_description
1 polymer 'Carboxypeptidase B'
2 non-polymer 'ZINC ION'
3 non-polymer '(2S)-(3-{[AMINO(IMINO)METHYL]AMINO}PHENYL){[(S)-[(1R)-1-({N-[(BENZYLOXY)CARBONYL]-L-TYROSYL}AMINO)-2-METHYLPROPYL](HYDROXY)PHOSPHORYL]OXY}ACETIC ACID'
4 water water
#
_entity_poly.entity_id   1
_entity_poly.type   'polypeptide(L)'
_entity_poly.pdbx_seq_one_letter_code
;TTGHSYEKYNNWETIEAWTKQVTSENPDLISRTAIGTTFLGNNIYLLKVGKPGPNKPAIFMDCGFHAREWISHAFCQWFV
REAVLTYGYESHMTEFLNKLDFYVLPVLNIDGYIYTWTKNRMWRKTRSTNAGTTCIGTDPNRNFDAGWCTTGASTDPCDE
TYCGSAAESEKETKALADFIRNNLSSIKAYLTIHSYSQMILYPYSYDYKLPENNAELNNLAKAAVKELATLYGTKYTYGP
GATTIYPAAGGSDDWAYDQGIKYSFTFELRDKGRYGFILPESQIQATCEETMLAIKYVTNYVLGHL
;
_entity_poly.pdbx_strand_id   A,B,C
#
loop_
_chem_comp.id
_chem_comp.type
_chem_comp.name
_chem_comp.formula
343 non-polymer '(2S)-(3-{[AMINO(IMINO)METHYL]AMINO}PHENYL){[(S)-[(1R)-1-({N-[(BENZYLOXY)CARBONYL]-L-TYROSYL}AMINO)-2-METHYLPROPYL](HYDROXY)PHOSPHORYL]OXY}ACETIC ACID' 'C30 H36 N5 O9 P'
ZN non-polymer 'ZINC ION' 'Zn 2'
#
# COMPACT_ATOMS: atom_id res chain seq x y z
N GLY A 3 -30.73 11.58 -19.20
CA GLY A 3 -30.73 12.99 -19.55
C GLY A 3 -29.62 13.36 -20.53
N HIS A 4 -29.95 13.41 -21.81
CA HIS A 4 -29.00 13.86 -22.83
C HIS A 4 -28.89 15.38 -22.84
N SER A 5 -27.67 15.89 -23.00
CA SER A 5 -27.45 17.32 -23.23
C SER A 5 -26.37 17.52 -24.29
N TYR A 6 -26.60 18.49 -25.18
CA TYR A 6 -25.63 18.77 -26.23
C TYR A 6 -24.42 19.54 -25.71
N GLU A 7 -24.54 20.12 -24.51
CA GLU A 7 -23.40 20.81 -23.91
C GLU A 7 -22.80 20.08 -22.71
N LYS A 8 -23.07 18.78 -22.64
CA LYS A 8 -22.33 17.92 -21.72
C LYS A 8 -21.86 16.69 -22.49
N TYR A 9 -20.86 16.00 -21.95
CA TYR A 9 -20.47 14.71 -22.50
C TYR A 9 -21.42 13.66 -21.99
N ASN A 10 -21.95 12.84 -22.90
CA ASN A 10 -22.97 11.87 -22.56
C ASN A 10 -22.40 10.46 -22.63
N ASN A 11 -22.78 9.60 -21.69
CA ASN A 11 -22.33 8.21 -21.73
C ASN A 11 -23.01 7.48 -22.87
N TRP A 12 -22.54 6.28 -23.20
CA TRP A 12 -23.05 5.58 -24.38
C TRP A 12 -24.52 5.25 -24.26
N GLU A 13 -24.95 4.91 -23.06
CA GLU A 13 -26.35 4.56 -22.82
C GLU A 13 -27.21 5.74 -23.26
N THR A 14 -26.75 6.93 -22.91
CA THR A 14 -27.46 8.16 -23.23
C THR A 14 -27.37 8.51 -24.72
N ILE A 15 -26.20 8.34 -25.30
CA ILE A 15 -26.05 8.63 -26.72
C ILE A 15 -26.91 7.67 -27.54
N GLU A 16 -26.93 6.41 -27.16
CA GLU A 16 -27.73 5.41 -27.86
C GLU A 16 -29.22 5.78 -27.81
N ALA A 17 -29.70 6.11 -26.63
CA ALA A 17 -31.10 6.50 -26.46
C ALA A 17 -31.37 7.74 -27.31
N TRP A 18 -30.38 8.61 -27.39
CA TRP A 18 -30.48 9.82 -28.20
C TRP A 18 -30.63 9.51 -29.68
N THR A 19 -29.85 8.54 -30.20
CA THR A 19 -29.95 8.22 -31.62
C THR A 19 -31.36 7.74 -31.95
N LYS A 20 -31.98 7.03 -31.03
CA LYS A 20 -33.34 6.56 -31.23
C LYS A 20 -34.31 7.73 -31.18
N GLN A 21 -34.16 8.58 -30.16
CA GLN A 21 -35.09 9.68 -29.97
C GLN A 21 -35.02 10.71 -31.10
N VAL A 22 -33.81 11.14 -31.44
CA VAL A 22 -33.65 12.19 -32.44
C VAL A 22 -34.18 11.72 -33.79
N THR A 23 -34.02 10.42 -34.08
CA THR A 23 -34.54 9.83 -35.30
C THR A 23 -36.07 9.78 -35.27
N SER A 24 -36.61 9.30 -34.15
CA SER A 24 -38.05 9.19 -34.00
C SER A 24 -38.71 10.54 -34.19
N GLU A 25 -38.07 11.58 -33.69
CA GLU A 25 -38.65 12.91 -33.70
C GLU A 25 -38.41 13.64 -35.02
N ASN A 26 -37.55 13.09 -35.87
CA ASN A 26 -37.21 13.73 -37.14
C ASN A 26 -37.08 12.74 -38.29
N PRO A 27 -38.09 11.87 -38.47
CA PRO A 27 -38.03 10.80 -39.48
C PRO A 27 -37.95 11.33 -40.91
N ASP A 28 -38.34 12.58 -41.11
CA ASP A 28 -38.28 13.18 -42.44
C ASP A 28 -36.91 13.79 -42.71
N LEU A 29 -35.99 13.64 -41.77
CA LEU A 29 -34.63 14.13 -41.95
C LEU A 29 -33.56 13.13 -41.51
N ILE A 30 -33.96 12.14 -40.73
CA ILE A 30 -33.00 11.17 -40.18
C ILE A 30 -33.53 9.74 -40.31
N SER A 31 -32.67 8.83 -40.76
CA SER A 31 -32.90 7.41 -40.55
C SER A 31 -31.70 6.79 -39.83
N ARG A 32 -32.00 5.86 -38.92
CA ARG A 32 -30.96 5.20 -38.15
C ARG A 32 -30.84 3.75 -38.57
N THR A 33 -29.62 3.33 -38.90
CA THR A 33 -29.33 1.93 -39.16
C THR A 33 -28.13 1.54 -38.30
N ALA A 34 -27.96 0.25 -38.08
CA ALA A 34 -26.76 -0.26 -37.42
C ALA A 34 -25.92 -0.92 -38.50
N ILE A 35 -24.63 -0.61 -38.53
CA ILE A 35 -23.77 -1.16 -39.57
C ILE A 35 -22.91 -2.29 -39.05
N GLY A 36 -23.17 -2.70 -37.80
CA GLY A 36 -22.42 -3.79 -37.21
C GLY A 36 -22.43 -3.72 -35.70
N THR A 37 -21.77 -4.68 -35.06
CA THR A 37 -21.60 -4.67 -33.61
C THR A 37 -20.14 -4.51 -33.24
N THR A 38 -19.88 -3.94 -32.07
CA THR A 38 -18.51 -3.81 -31.57
C THR A 38 -18.04 -5.15 -31.01
N PHE A 39 -16.80 -5.20 -30.57
CA PHE A 39 -16.27 -6.41 -29.94
C PHE A 39 -17.12 -6.84 -28.75
N LEU A 40 -17.58 -5.88 -27.95
CA LEU A 40 -18.39 -6.17 -26.77
C LEU A 40 -19.90 -6.15 -27.04
N GLY A 41 -20.28 -6.15 -28.32
CA GLY A 41 -21.68 -6.35 -28.66
C GLY A 41 -22.54 -5.10 -28.62
N ASN A 42 -21.92 -3.93 -28.64
CA ASN A 42 -22.68 -2.69 -28.73
C ASN A 42 -22.98 -2.35 -30.19
N ASN A 43 -24.04 -1.58 -30.40
CA ASN A 43 -24.56 -1.35 -31.75
C ASN A 43 -23.92 -0.14 -32.41
N ILE A 44 -23.28 -0.35 -33.56
CA ILE A 44 -22.63 0.74 -34.28
C ILE A 44 -23.64 1.47 -35.14
N TYR A 45 -24.26 2.51 -34.57
CA TYR A 45 -25.31 3.24 -35.27
C TYR A 45 -24.74 4.17 -36.33
N LEU A 46 -25.49 4.30 -37.43
CA LEU A 46 -25.17 5.26 -38.46
C LEU A 46 -26.45 6.05 -38.75
N LEU A 47 -26.35 7.38 -38.68
CA LEU A 47 -27.49 8.24 -38.93
C LEU A 47 -27.37 8.83 -40.33
N LYS A 48 -28.36 8.54 -41.18
CA LYS A 48 -28.41 9.16 -42.50
C LYS A 48 -29.22 10.44 -42.39
N VAL A 49 -28.52 11.56 -42.47
CA VAL A 49 -29.13 12.86 -42.26
C VAL A 49 -29.31 13.54 -43.60
N GLY A 50 -30.55 13.89 -43.93
CA GLY A 50 -30.84 14.48 -45.23
C GLY A 50 -32.31 14.36 -45.58
N LYS A 51 -32.77 15.17 -46.53
CA LYS A 51 -34.13 15.04 -47.04
C LYS A 51 -34.15 13.85 -47.98
N PRO A 52 -34.91 12.79 -47.61
CA PRO A 52 -34.83 11.56 -48.39
C PRO A 52 -35.19 11.73 -49.87
N GLY A 53 -34.49 10.98 -50.71
CA GLY A 53 -34.72 11.03 -52.15
C GLY A 53 -33.85 9.99 -52.82
N PRO A 54 -34.10 9.69 -54.10
CA PRO A 54 -33.34 8.67 -54.86
C PRO A 54 -31.96 9.14 -55.32
N ASN A 55 -31.04 8.18 -55.43
CA ASN A 55 -29.66 8.43 -55.85
C ASN A 55 -29.08 9.78 -55.44
N LYS A 56 -28.97 10.01 -54.13
CA LYS A 56 -28.31 11.21 -53.64
C LYS A 56 -26.83 10.93 -53.40
N PRO A 57 -25.96 11.91 -53.71
CA PRO A 57 -24.56 11.84 -53.31
C PRO A 57 -24.49 11.97 -51.79
N ALA A 58 -23.33 11.67 -51.21
CA ALA A 58 -23.21 11.63 -49.76
C ALA A 58 -21.87 12.14 -49.27
N ILE A 59 -21.86 12.64 -48.04
CA ILE A 59 -20.63 12.91 -47.31
C ILE A 59 -20.62 12.03 -46.05
N PHE A 60 -19.52 11.34 -45.82
CA PHE A 60 -19.40 10.45 -44.67
C PHE A 60 -18.59 11.13 -43.58
N MET A 61 -19.14 11.19 -42.38
CA MET A 61 -18.42 11.75 -41.24
C MET A 61 -18.54 10.81 -40.05
N ASP A 62 -17.42 10.51 -39.40
CA ASP A 62 -17.48 9.76 -38.15
C ASP A 62 -16.84 10.51 -36.98
N CYS A 63 -17.23 10.13 -35.78
CA CYS A 63 -16.64 10.64 -34.55
C CYS A 63 -16.33 9.46 -33.62
N GLY A 64 -15.50 9.69 -32.61
CA GLY A 64 -15.29 8.69 -31.59
C GLY A 64 -14.43 7.49 -32.01
N PHE A 65 -13.56 7.68 -33.00
CA PHE A 65 -12.54 6.69 -33.32
C PHE A 65 -11.76 6.38 -32.04
N HIS A 66 -11.34 7.43 -31.34
CA HIS A 66 -10.50 7.26 -30.17
C HIS A 66 -11.26 7.59 -28.88
N ALA A 67 -11.22 6.66 -27.93
CA ALA A 67 -12.14 6.67 -26.79
C ALA A 67 -12.08 7.97 -25.98
N ARG A 68 -10.86 8.45 -25.72
CA ARG A 68 -10.67 9.57 -24.80
C ARG A 68 -10.94 10.93 -25.42
N GLU A 69 -11.19 10.97 -26.72
CA GLU A 69 -11.37 12.23 -27.42
C GLU A 69 -12.83 12.67 -27.40
N TRP A 70 -13.30 12.99 -26.19
CA TRP A 70 -14.72 13.18 -25.93
C TRP A 70 -15.37 14.30 -26.72
N ILE A 71 -14.60 15.32 -27.10
CA ILE A 71 -15.19 16.43 -27.84
C ILE A 71 -15.59 16.00 -29.25
N SER A 72 -14.95 14.95 -29.76
CA SER A 72 -15.31 14.39 -31.05
C SER A 72 -16.74 13.83 -31.02
N HIS A 73 -17.03 12.97 -30.05
CA HIS A 73 -18.37 12.40 -29.90
C HIS A 73 -19.38 13.53 -29.77
N ALA A 74 -19.03 14.54 -28.99
CA ALA A 74 -19.92 15.67 -28.77
C ALA A 74 -20.24 16.37 -30.08
N PHE A 75 -19.25 16.51 -30.95
CA PHE A 75 -19.48 17.23 -32.19
C PHE A 75 -20.49 16.56 -33.10
N CYS A 76 -20.41 15.23 -33.27
CA CYS A 76 -21.36 14.56 -34.13
C CYS A 76 -22.80 14.76 -33.67
N GLN A 77 -23.01 14.76 -32.35
CA GLN A 77 -24.36 14.99 -31.82
C GLN A 77 -24.79 16.42 -32.12
N TRP A 78 -23.88 17.37 -31.93
CA TRP A 78 -24.17 18.78 -32.18
C TRP A 78 -24.55 19.02 -33.63
N PHE A 79 -23.81 18.37 -34.54
CA PHE A 79 -24.03 18.52 -35.97
C PHE A 79 -25.44 18.09 -36.35
N VAL A 80 -25.87 16.96 -35.79
CA VAL A 80 -27.16 16.39 -36.12
C VAL A 80 -28.29 17.32 -35.70
N ARG A 81 -28.17 17.92 -34.52
CA ARG A 81 -29.19 18.87 -34.09
C ARG A 81 -29.23 20.10 -34.99
N GLU A 82 -28.06 20.64 -35.32
CA GLU A 82 -27.99 21.81 -36.21
C GLU A 82 -28.71 21.51 -37.51
N ALA A 83 -28.46 20.33 -38.06
CA ALA A 83 -29.09 19.89 -39.30
C ALA A 83 -30.61 19.92 -39.18
N VAL A 84 -31.15 19.25 -38.16
CA VAL A 84 -32.60 19.13 -38.06
C VAL A 84 -33.28 20.44 -37.68
N LEU A 85 -32.63 21.23 -36.84
CA LEU A 85 -33.23 22.49 -36.39
C LEU A 85 -33.26 23.56 -37.48
N THR A 86 -32.20 23.61 -38.29
CA THR A 86 -32.07 24.70 -39.24
C THR A 86 -32.52 24.35 -40.65
N TYR A 87 -32.87 23.09 -40.89
CA TYR A 87 -33.34 22.74 -42.22
C TYR A 87 -34.61 23.51 -42.55
N GLY A 88 -34.62 24.15 -43.72
CA GLY A 88 -35.78 24.91 -44.14
C GLY A 88 -35.67 26.38 -43.79
N TYR A 89 -34.66 26.74 -43.00
CA TYR A 89 -34.49 28.12 -42.55
C TYR A 89 -33.15 28.71 -42.98
N GLU A 90 -32.06 28.03 -42.66
CA GLU A 90 -30.75 28.44 -43.12
C GLU A 90 -30.55 27.87 -44.52
N SER A 91 -30.24 28.75 -45.48
CA SER A 91 -30.32 28.37 -46.88
C SER A 91 -29.29 27.29 -47.25
N HIS A 92 -28.09 27.42 -46.70
CA HIS A 92 -27.03 26.46 -47.00
C HIS A 92 -27.39 25.05 -46.52
N MET A 93 -27.74 24.92 -45.25
CA MET A 93 -28.06 23.60 -44.72
C MET A 93 -29.26 23.01 -45.44
N THR A 94 -30.22 23.86 -45.80
CA THR A 94 -31.40 23.39 -46.52
C THR A 94 -30.98 22.78 -47.86
N GLU A 95 -30.15 23.51 -48.60
CA GLU A 95 -29.63 23.00 -49.86
C GLU A 95 -28.81 21.72 -49.65
N PHE A 96 -27.97 21.70 -48.62
CA PHE A 96 -27.13 20.54 -48.36
C PHE A 96 -27.97 19.28 -48.20
N LEU A 97 -28.98 19.36 -47.33
CA LEU A 97 -29.78 18.18 -47.01
C LEU A 97 -30.73 17.82 -48.16
N ASN A 98 -31.05 18.79 -49.00
CA ASN A 98 -31.88 18.52 -50.16
C ASN A 98 -31.08 17.75 -51.22
N LYS A 99 -29.83 18.15 -51.42
CA LYS A 99 -29.02 17.61 -52.52
C LYS A 99 -28.23 16.36 -52.14
N LEU A 100 -27.83 16.25 -50.88
CA LEU A 100 -27.05 15.09 -50.46
C LEU A 100 -27.45 14.56 -49.09
N ASP A 101 -26.85 13.43 -48.73
CA ASP A 101 -27.00 12.87 -47.40
C ASP A 101 -25.70 13.00 -46.63
N PHE A 102 -25.80 13.30 -45.34
CA PHE A 102 -24.67 13.14 -44.44
C PHE A 102 -24.82 11.78 -43.78
N TYR A 103 -23.85 10.90 -43.98
CA TYR A 103 -23.78 9.69 -43.20
C TYR A 103 -22.98 10.03 -41.95
N VAL A 104 -23.66 10.11 -40.82
CA VAL A 104 -23.02 10.49 -39.57
C VAL A 104 -22.91 9.29 -38.66
N LEU A 105 -21.67 8.88 -38.36
CA LEU A 105 -21.44 7.76 -37.46
C LEU A 105 -20.97 8.35 -36.13
N PRO A 106 -21.89 8.47 -35.17
CA PRO A 106 -21.66 9.29 -33.97
C PRO A 106 -20.56 8.78 -33.05
N VAL A 107 -20.46 7.47 -32.92
CA VAL A 107 -19.39 6.84 -32.14
C VAL A 107 -18.96 5.53 -32.78
N LEU A 108 -17.72 5.48 -33.27
CA LEU A 108 -17.21 4.24 -33.84
C LEU A 108 -16.74 3.27 -32.75
N ASN A 109 -15.81 3.74 -31.91
CA ASN A 109 -15.20 2.91 -30.89
C ASN A 109 -15.99 3.01 -29.58
N ILE A 110 -17.16 2.39 -29.58
CA ILE A 110 -18.08 2.49 -28.44
C ILE A 110 -17.51 1.81 -27.20
N ASP A 111 -16.87 0.66 -27.39
CA ASP A 111 -16.38 -0.12 -26.26
C ASP A 111 -15.32 0.67 -25.50
N GLY A 112 -14.42 1.31 -26.25
CA GLY A 112 -13.40 2.13 -25.62
C GLY A 112 -14.02 3.32 -24.91
N TYR A 113 -15.00 3.95 -25.55
CA TYR A 113 -15.65 5.12 -24.97
C TYR A 113 -16.33 4.76 -23.64
N ILE A 114 -17.00 3.62 -23.60
CA ILE A 114 -17.59 3.17 -22.35
C ILE A 114 -16.51 3.00 -21.28
N TYR A 115 -15.35 2.52 -21.69
CA TYR A 115 -14.27 2.28 -20.73
C TYR A 115 -13.74 3.59 -20.16
N THR A 116 -13.76 4.66 -20.95
CA THR A 116 -13.30 5.95 -20.44
C THR A 116 -14.28 6.51 -19.41
N TRP A 117 -15.51 6.02 -19.43
CA TRP A 117 -16.50 6.43 -18.45
C TRP A 117 -16.44 5.58 -17.18
N THR A 118 -16.18 4.29 -17.34
CA THR A 118 -16.28 3.36 -16.22
C THR A 118 -14.95 3.12 -15.50
N LYS A 119 -13.83 3.22 -16.22
CA LYS A 119 -12.55 2.83 -15.65
C LYS A 119 -11.40 3.80 -15.90
N ASN A 120 -11.12 4.09 -17.16
CA ASN A 120 -9.89 4.80 -17.50
C ASN A 120 -10.15 5.89 -18.53
N ARG A 121 -10.10 7.14 -18.08
CA ARG A 121 -10.49 8.29 -18.89
C ARG A 121 -9.55 8.50 -20.06
N MET A 122 -8.33 7.97 -19.94
CA MET A 122 -7.31 8.19 -20.97
C MET A 122 -7.18 7.00 -21.92
N TRP A 123 -8.11 6.06 -21.86
CA TRP A 123 -8.11 4.95 -22.79
C TRP A 123 -8.28 5.45 -24.22
N ARG A 124 -7.65 4.76 -25.16
CA ARG A 124 -7.59 5.19 -26.56
C ARG A 124 -8.17 4.12 -27.49
N LYS A 125 -7.71 2.90 -27.30
CA LYS A 125 -7.91 1.82 -28.27
C LYS A 125 -9.29 1.19 -28.15
N THR A 126 -9.52 0.13 -28.93
CA THR A 126 -10.73 -0.67 -28.75
C THR A 126 -10.59 -1.48 -27.45
N ARG A 127 -11.51 -2.40 -27.21
CA ARG A 127 -11.42 -3.24 -26.02
C ARG A 127 -11.39 -4.75 -26.36
N SER A 128 -10.95 -5.08 -27.56
CA SER A 128 -10.84 -6.47 -27.97
C SER A 128 -9.67 -7.17 -27.28
N THR A 129 -9.81 -8.47 -27.08
CA THR A 129 -8.73 -9.27 -26.50
C THR A 129 -7.68 -9.57 -27.55
N ASN A 130 -6.49 -9.93 -27.10
CA ASN A 130 -5.40 -10.28 -27.99
C ASN A 130 -4.82 -11.62 -27.57
N ALA A 131 -4.58 -12.49 -28.54
CA ALA A 131 -4.06 -13.82 -28.25
C ALA A 131 -2.70 -13.72 -27.58
N GLY A 132 -2.47 -14.57 -26.58
CA GLY A 132 -1.14 -14.67 -26.00
C GLY A 132 -0.74 -13.59 -25.02
N THR A 133 -1.68 -12.70 -24.67
CA THR A 133 -1.39 -11.63 -23.73
C THR A 133 -2.63 -11.16 -22.98
N THR A 134 -2.42 -10.50 -21.85
CA THR A 134 -3.53 -9.90 -21.12
C THR A 134 -3.83 -8.50 -21.67
N CYS A 135 -2.93 -7.97 -22.49
CA CYS A 135 -3.11 -6.62 -23.01
C CYS A 135 -4.33 -6.51 -23.91
N ILE A 136 -5.03 -5.39 -23.79
CA ILE A 136 -6.30 -5.18 -24.49
C ILE A 136 -6.21 -4.10 -25.55
N GLY A 137 -6.85 -4.33 -26.69
CA GLY A 137 -7.16 -3.23 -27.59
C GLY A 137 -6.25 -3.04 -28.78
N THR A 138 -6.85 -2.59 -29.87
CA THR A 138 -6.15 -2.20 -31.09
C THR A 138 -6.45 -0.72 -31.35
N ASP A 139 -5.48 0.02 -31.88
CA ASP A 139 -5.73 1.41 -32.28
C ASP A 139 -6.50 1.38 -33.61
N PRO A 140 -7.76 1.82 -33.60
CA PRO A 140 -8.58 1.70 -34.81
C PRO A 140 -8.01 2.51 -35.97
N ASN A 141 -7.32 3.61 -35.67
CA ASN A 141 -6.75 4.44 -36.72
C ASN A 141 -5.34 4.00 -37.12
N ARG A 142 -4.98 2.77 -36.75
CA ARG A 142 -3.78 2.12 -37.27
C ARG A 142 -4.21 0.82 -37.95
N ASN A 143 -5.52 0.63 -38.07
CA ASN A 143 -6.06 -0.68 -38.40
C ASN A 143 -6.63 -0.75 -39.83
N PHE A 144 -6.42 0.31 -40.61
CA PHE A 144 -6.91 0.31 -41.98
C PHE A 144 -5.83 -0.03 -43.01
N ASP A 145 -6.28 -0.45 -44.19
CA ASP A 145 -5.37 -0.93 -45.22
C ASP A 145 -4.74 0.24 -45.96
N ALA A 146 -3.89 0.98 -45.27
CA ALA A 146 -3.21 2.14 -45.85
C ALA A 146 -1.75 2.10 -45.42
N GLY A 147 -0.91 1.48 -46.23
CA GLY A 147 0.45 1.22 -45.82
C GLY A 147 0.49 0.52 -44.46
N TRP A 148 -0.46 -0.40 -44.26
CA TRP A 148 -0.75 -0.92 -42.93
C TRP A 148 0.45 -1.31 -42.08
N CYS A 149 0.55 -0.68 -40.91
CA CYS A 149 1.53 -1.00 -39.87
C CYS A 149 2.98 -0.79 -40.28
N THR A 150 3.22 -0.01 -41.34
CA THR A 150 4.58 0.17 -41.83
C THR A 150 5.30 1.34 -41.16
N THR A 151 4.56 2.27 -40.57
CA THR A 151 5.19 3.39 -39.88
C THR A 151 4.30 4.01 -38.80
N GLY A 152 4.93 4.58 -37.78
CA GLY A 152 4.19 5.26 -36.74
C GLY A 152 3.15 4.37 -36.09
N ALA A 153 3.42 3.07 -36.06
CA ALA A 153 2.49 2.09 -35.50
C ALA A 153 3.26 0.99 -34.78
N SER A 154 2.63 0.37 -33.78
CA SER A 154 3.27 -0.70 -33.04
C SER A 154 2.68 -2.05 -33.43
N THR A 155 3.52 -3.09 -33.39
CA THR A 155 3.05 -4.45 -33.63
C THR A 155 2.75 -5.14 -32.30
N ASP A 156 2.88 -4.39 -31.20
CA ASP A 156 2.73 -4.94 -29.86
C ASP A 156 1.36 -4.60 -29.30
N PRO A 157 0.56 -5.62 -28.94
CA PRO A 157 -0.80 -5.36 -28.45
C PRO A 157 -0.88 -4.57 -27.14
N CYS A 158 0.25 -4.43 -26.46
CA CYS A 158 0.28 -3.68 -25.21
C CYS A 158 0.49 -2.18 -25.43
N ASP A 159 0.75 -1.79 -26.67
CA ASP A 159 1.02 -0.39 -26.99
C ASP A 159 -0.22 0.37 -27.48
N GLU A 160 -0.19 1.69 -27.31
CA GLU A 160 -1.33 2.55 -27.64
C GLU A 160 -1.60 2.65 -29.13
N THR A 161 -0.59 2.41 -29.96
CA THR A 161 -0.78 2.48 -31.40
C THR A 161 -0.73 1.11 -32.07
N TYR A 162 -1.07 0.07 -31.30
CA TYR A 162 -1.10 -1.29 -31.84
C TYR A 162 -1.94 -1.33 -33.11
N CYS A 163 -1.37 -1.90 -34.17
CA CYS A 163 -2.02 -1.85 -35.47
C CYS A 163 -2.95 -3.05 -35.71
N GLY A 164 -3.00 -3.97 -34.76
CA GLY A 164 -3.84 -5.15 -34.91
C GLY A 164 -3.09 -6.30 -35.57
N SER A 165 -3.75 -7.44 -35.72
CA SER A 165 -3.11 -8.61 -36.33
C SER A 165 -3.11 -8.49 -37.86
N ALA A 166 -3.95 -7.60 -38.38
CA ALA A 166 -4.03 -7.36 -39.81
C ALA A 166 -5.01 -6.22 -40.02
N ALA A 167 -4.94 -5.57 -41.18
CA ALA A 167 -5.88 -4.51 -41.50
C ALA A 167 -7.31 -5.04 -41.31
N GLU A 168 -8.15 -4.23 -40.69
CA GLU A 168 -9.55 -4.56 -40.48
C GLU A 168 -9.78 -5.79 -39.60
N SER A 169 -8.82 -6.08 -38.74
CA SER A 169 -8.96 -7.16 -37.76
C SER A 169 -10.01 -6.81 -36.71
N GLU A 170 -10.27 -5.53 -36.51
CA GLU A 170 -11.27 -5.10 -35.55
C GLU A 170 -12.66 -5.09 -36.21
N LYS A 171 -13.65 -5.59 -35.49
CA LYS A 171 -15.03 -5.60 -36.00
C LYS A 171 -15.49 -4.20 -36.38
N GLU A 172 -15.08 -3.21 -35.61
CA GLU A 172 -15.54 -1.84 -35.83
C GLU A 172 -14.96 -1.23 -37.11
N THR A 173 -13.67 -1.44 -37.35
CA THR A 173 -13.04 -0.88 -38.54
C THR A 173 -13.48 -1.65 -39.79
N LYS A 174 -13.64 -2.96 -39.68
CA LYS A 174 -14.20 -3.75 -40.77
C LYS A 174 -15.60 -3.25 -41.10
N ALA A 175 -16.40 -2.96 -40.08
CA ALA A 175 -17.77 -2.49 -40.29
C ALA A 175 -17.79 -1.15 -41.03
N LEU A 176 -16.90 -0.23 -40.64
CA LEU A 176 -16.83 1.07 -41.30
C LEU A 176 -16.33 0.91 -42.74
N ALA A 177 -15.26 0.14 -42.90
CA ALA A 177 -14.69 -0.11 -44.23
C ALA A 177 -15.71 -0.75 -45.16
N ASP A 178 -16.44 -1.73 -44.65
CA ASP A 178 -17.45 -2.44 -45.44
C ASP A 178 -18.53 -1.45 -45.91
N PHE A 179 -19.00 -0.61 -45.00
CA PHE A 179 -20.06 0.32 -45.35
C PHE A 179 -19.60 1.28 -46.45
N ILE A 180 -18.42 1.87 -46.27
CA ILE A 180 -17.90 2.81 -47.25
C ILE A 180 -17.64 2.12 -48.58
N ARG A 181 -17.11 0.90 -48.52
CA ARG A 181 -16.88 0.11 -49.72
C ARG A 181 -18.18 -0.15 -50.48
N ASN A 182 -19.26 -0.40 -49.75
CA ASN A 182 -20.55 -0.71 -50.37
C ASN A 182 -21.26 0.54 -50.90
N ASN A 183 -20.74 1.71 -50.57
CA ASN A 183 -21.38 2.96 -50.96
C ASN A 183 -20.42 3.94 -51.65
N LEU A 184 -19.34 3.41 -52.21
CA LEU A 184 -18.33 4.23 -52.84
C LEU A 184 -18.87 5.17 -53.92
N SER A 185 -19.81 4.67 -54.72
CA SER A 185 -20.35 5.46 -55.82
C SER A 185 -20.96 6.76 -55.34
N SER A 186 -21.47 6.77 -54.12
CA SER A 186 -22.21 7.93 -53.62
C SER A 186 -21.39 8.83 -52.70
N ILE A 187 -20.42 8.26 -51.99
CA ILE A 187 -19.66 9.04 -51.02
C ILE A 187 -18.62 9.91 -51.70
N LYS A 188 -18.74 11.23 -51.51
CA LYS A 188 -17.88 12.19 -52.20
C LYS A 188 -16.82 12.80 -51.30
N ALA A 189 -17.02 12.71 -49.99
CA ALA A 189 -16.04 13.22 -49.03
C ALA A 189 -16.04 12.36 -47.76
N TYR A 190 -14.87 12.22 -47.16
CA TYR A 190 -14.74 11.50 -45.90
C TYR A 190 -14.15 12.43 -44.85
N LEU A 191 -14.85 12.57 -43.74
CA LEU A 191 -14.43 13.46 -42.67
C LEU A 191 -14.41 12.66 -41.37
N THR A 192 -13.25 12.65 -40.71
CA THR A 192 -13.11 11.90 -39.48
C THR A 192 -12.66 12.82 -38.35
N ILE A 193 -13.43 12.83 -37.26
CA ILE A 193 -13.29 13.86 -36.24
C ILE A 193 -12.54 13.33 -35.01
N HIS A 194 -11.45 14.01 -34.66
CA HIS A 194 -10.60 13.62 -33.53
C HIS A 194 -10.32 14.85 -32.65
N SER A 195 -9.61 14.65 -31.56
CA SER A 195 -8.95 15.76 -30.84
C SER A 195 -7.64 15.22 -30.26
N TYR A 196 -6.71 16.10 -29.87
CA TYR A 196 -6.80 17.54 -30.02
C TYR A 196 -5.61 18.00 -30.88
N SER A 197 -5.57 19.30 -31.19
CA SER A 197 -4.42 19.93 -31.85
C SER A 197 -4.82 21.16 -32.67
N GLN A 198 -6.12 21.30 -32.92
CA GLN A 198 -6.63 22.34 -33.80
C GLN A 198 -5.93 22.29 -35.16
N MET A 199 -6.18 21.21 -35.89
CA MET A 199 -5.65 21.04 -37.23
C MET A 199 -6.70 20.45 -38.18
N ILE A 200 -6.54 20.74 -39.45
CA ILE A 200 -7.17 19.95 -40.50
C ILE A 200 -6.08 19.27 -41.33
N LEU A 201 -6.03 17.95 -41.27
CA LEU A 201 -5.02 17.19 -42.02
C LEU A 201 -5.65 16.52 -43.23
N TYR A 202 -4.86 16.38 -44.29
CA TYR A 202 -5.25 15.55 -45.43
C TYR A 202 -4.08 14.62 -45.77
N PRO A 203 -4.31 13.64 -46.66
CA PRO A 203 -3.27 12.64 -46.94
C PRO A 203 -2.01 13.27 -47.49
N TYR A 204 -0.87 12.60 -47.32
CA TYR A 204 -0.82 11.28 -46.70
C TYR A 204 -0.13 11.31 -45.35
N SER A 205 -0.47 10.36 -44.49
CA SER A 205 0.27 10.16 -43.25
C SER A 205 1.14 8.91 -43.29
N TYR A 206 0.75 7.89 -44.05
CA TYR A 206 1.53 6.67 -44.08
C TYR A 206 2.77 6.77 -44.94
N ASP A 207 2.89 7.86 -45.69
CA ASP A 207 4.09 8.10 -46.51
C ASP A 207 4.22 9.60 -46.78
N TYR A 208 5.40 10.04 -47.22
CA TYR A 208 5.61 11.46 -47.50
C TYR A 208 5.15 11.87 -48.89
N LYS A 209 4.70 10.91 -49.69
CA LYS A 209 4.12 11.23 -50.98
C LYS A 209 2.88 12.10 -50.80
N LEU A 210 2.60 12.93 -51.79
CA LEU A 210 1.45 13.82 -51.74
C LEU A 210 0.35 13.35 -52.67
N PRO A 211 -0.91 13.58 -52.29
CA PRO A 211 -2.05 13.23 -53.15
C PRO A 211 -2.04 14.04 -54.45
N GLU A 212 -2.59 13.47 -55.50
CA GLU A 212 -2.66 14.10 -56.80
C GLU A 212 -3.26 15.51 -56.73
N ASN A 213 -4.29 15.67 -55.90
CA ASN A 213 -4.97 16.96 -55.79
C ASN A 213 -4.59 17.71 -54.52
N ASN A 214 -3.31 17.65 -54.15
CA ASN A 214 -2.89 18.22 -52.88
C ASN A 214 -2.99 19.75 -52.87
N ALA A 215 -2.85 20.37 -54.03
CA ALA A 215 -3.03 21.81 -54.13
C ALA A 215 -4.47 22.17 -53.77
N GLU A 216 -5.41 21.42 -54.35
CA GLU A 216 -6.82 21.65 -54.09
C GLU A 216 -7.15 21.41 -52.62
N LEU A 217 -6.60 20.32 -52.06
CA LEU A 217 -6.86 19.99 -50.67
C LEU A 217 -6.25 21.05 -49.75
N ASN A 218 -5.06 21.54 -50.10
CA ASN A 218 -4.43 22.58 -49.32
C ASN A 218 -5.27 23.85 -49.34
N ASN A 219 -5.77 24.23 -50.52
CA ASN A 219 -6.59 25.42 -50.65
C ASN A 219 -7.90 25.26 -49.92
N LEU A 220 -8.46 24.05 -49.97
CA LEU A 220 -9.71 23.75 -49.29
C LEU A 220 -9.51 23.81 -47.78
N ALA A 221 -8.44 23.21 -47.29
CA ALA A 221 -8.17 23.21 -45.86
C ALA A 221 -7.91 24.63 -45.38
N LYS A 222 -7.18 25.39 -46.17
CA LYS A 222 -6.83 26.76 -45.80
C LYS A 222 -8.08 27.62 -45.66
N ALA A 223 -9.02 27.45 -46.57
CA ALA A 223 -10.25 28.25 -46.55
C ALA A 223 -11.11 27.84 -45.35
N ALA A 224 -11.15 26.55 -45.06
CA ALA A 224 -11.98 26.06 -43.97
C ALA A 224 -11.47 26.55 -42.62
N VAL A 225 -10.14 26.63 -42.46
CA VAL A 225 -9.58 27.10 -41.20
C VAL A 225 -9.82 28.60 -41.05
N LYS A 226 -9.73 29.35 -42.15
CA LYS A 226 -10.06 30.77 -42.11
C LYS A 226 -11.52 30.93 -41.68
N GLU A 227 -12.40 30.13 -42.27
CA GLU A 227 -13.82 30.19 -41.97
C GLU A 227 -14.07 29.86 -40.49
N LEU A 228 -13.41 28.83 -39.99
CA LEU A 228 -13.58 28.43 -38.60
C LEU A 228 -13.18 29.58 -37.66
N ALA A 229 -12.13 30.30 -38.03
CA ALA A 229 -11.58 31.35 -37.19
C ALA A 229 -12.48 32.59 -37.09
N THR A 230 -13.36 32.75 -38.06
CA THR A 230 -14.18 33.95 -38.13
C THR A 230 -15.11 34.09 -36.93
N LEU A 231 -15.42 32.96 -36.30
CA LEU A 231 -16.43 32.94 -35.25
C LEU A 231 -15.89 33.39 -33.89
N TYR A 232 -14.82 32.73 -33.44
CA TYR A 232 -14.27 33.01 -32.10
C TYR A 232 -12.77 33.31 -32.12
N GLY A 233 -12.17 33.26 -33.29
CA GLY A 233 -10.76 33.58 -33.41
C GLY A 233 -9.82 32.39 -33.24
N THR A 234 -10.41 31.20 -33.12
CA THR A 234 -9.62 29.99 -32.88
C THR A 234 -8.71 29.70 -34.07
N LYS A 235 -7.41 29.49 -33.81
CA LYS A 235 -6.45 29.26 -34.87
C LYS A 235 -6.16 27.77 -35.12
N TYR A 236 -6.38 27.33 -36.35
CA TYR A 236 -6.03 25.99 -36.78
C TYR A 236 -4.85 26.05 -37.73
N THR A 237 -4.09 24.95 -37.79
CA THR A 237 -3.12 24.75 -38.87
C THR A 237 -3.57 23.58 -39.74
N TYR A 238 -2.93 23.42 -40.90
CA TYR A 238 -3.39 22.42 -41.86
C TYR A 238 -2.25 21.94 -42.75
N GLY A 239 -2.44 20.79 -43.38
CA GLY A 239 -1.46 20.27 -44.30
C GLY A 239 -1.51 18.76 -44.36
N PRO A 240 -0.61 18.13 -45.14
CA PRO A 240 -0.53 16.66 -45.20
C PRO A 240 -0.16 16.11 -43.82
N GLY A 241 -0.74 14.98 -43.47
CA GLY A 241 -0.54 14.43 -42.14
C GLY A 241 0.92 14.24 -41.77
N ALA A 242 1.67 13.64 -42.68
CA ALA A 242 3.01 13.15 -42.35
C ALA A 242 3.93 14.27 -41.86
N THR A 243 3.88 15.42 -42.52
CA THR A 243 4.76 16.54 -42.17
C THR A 243 4.10 17.53 -41.21
N THR A 244 2.77 17.51 -41.16
CA THR A 244 2.04 18.49 -40.37
C THR A 244 1.92 18.07 -38.91
N ILE A 245 1.85 16.77 -38.66
CA ILE A 245 1.78 16.29 -37.29
C ILE A 245 2.77 15.15 -37.02
N TYR A 246 2.62 14.05 -37.75
CA TYR A 246 3.62 12.98 -37.73
C TYR A 246 3.26 11.87 -38.71
N PRO A 247 4.26 11.11 -39.16
CA PRO A 247 4.00 9.92 -39.99
C PRO A 247 3.26 8.85 -39.18
N ALA A 248 2.33 8.16 -39.83
CA ALA A 248 1.55 7.11 -39.16
C ALA A 248 0.72 6.35 -40.18
N ALA A 249 0.91 5.04 -40.24
CA ALA A 249 0.24 4.21 -41.24
C ALA A 249 -1.10 3.68 -40.72
N GLY A 250 -1.96 3.27 -41.65
CA GLY A 250 -3.16 2.55 -41.28
C GLY A 250 -4.34 3.41 -40.88
N GLY A 251 -4.28 4.70 -41.23
CA GLY A 251 -5.37 5.60 -40.87
C GLY A 251 -6.52 5.56 -41.86
N SER A 252 -7.72 5.90 -41.40
CA SER A 252 -8.91 5.81 -42.25
C SER A 252 -8.95 6.91 -43.30
N ASP A 253 -8.37 8.06 -42.99
CA ASP A 253 -8.38 9.16 -43.96
C ASP A 253 -7.57 8.79 -45.20
N ASP A 254 -6.37 8.24 -45.01
CA ASP A 254 -5.55 7.80 -46.13
C ASP A 254 -6.21 6.65 -46.87
N TRP A 255 -6.83 5.73 -46.14
CA TRP A 255 -7.51 4.61 -46.77
C TRP A 255 -8.70 5.07 -47.62
N ALA A 256 -9.51 5.96 -47.08
CA ALA A 256 -10.67 6.47 -47.81
C ALA A 256 -10.24 7.17 -49.09
N TYR A 257 -9.16 7.95 -49.00
CA TYR A 257 -8.66 8.66 -50.17
C TYR A 257 -8.20 7.70 -51.24
N ASP A 258 -7.49 6.65 -50.83
CA ASP A 258 -6.99 5.66 -51.78
C ASP A 258 -8.11 4.80 -52.36
N GLN A 259 -9.30 4.91 -51.78
CA GLN A 259 -10.48 4.26 -52.34
C GLN A 259 -11.10 5.12 -53.44
N GLY A 260 -10.60 6.34 -53.60
CA GLY A 260 -11.09 7.21 -54.65
C GLY A 260 -11.96 8.35 -54.13
N ILE A 261 -12.05 8.47 -52.81
CA ILE A 261 -12.76 9.59 -52.20
C ILE A 261 -11.80 10.78 -52.11
N LYS A 262 -11.99 11.75 -52.99
CA LYS A 262 -10.96 12.74 -53.27
C LYS A 262 -10.85 13.82 -52.20
N TYR A 263 -11.90 13.96 -51.40
CA TYR A 263 -11.88 14.91 -50.30
C TYR A 263 -11.90 14.14 -48.99
N SER A 264 -10.73 14.07 -48.35
CA SER A 264 -10.57 13.26 -47.14
C SER A 264 -9.78 14.05 -46.12
N PHE A 265 -10.37 14.23 -44.94
CA PHE A 265 -9.80 15.10 -43.93
C PHE A 265 -9.94 14.49 -42.56
N THR A 266 -8.87 14.61 -41.77
CA THR A 266 -8.95 14.38 -40.33
C THR A 266 -9.01 15.74 -39.64
N PHE A 267 -10.05 15.95 -38.84
CA PHE A 267 -10.13 17.15 -38.02
C PHE A 267 -9.62 16.87 -36.62
N GLU A 268 -8.76 17.76 -36.13
CA GLU A 268 -8.34 17.72 -34.73
C GLU A 268 -8.88 18.98 -34.06
N LEU A 269 -9.82 18.80 -33.13
CA LEU A 269 -10.51 19.95 -32.54
C LEU A 269 -9.70 20.52 -31.37
N ARG A 270 -10.32 21.40 -30.59
CA ARG A 270 -9.64 22.02 -29.45
C ARG A 270 -9.18 20.96 -28.45
N ASP A 271 -8.17 21.28 -27.64
CA ASP A 271 -7.41 22.52 -27.80
C ASP A 271 -5.99 22.20 -28.30
N LYS A 272 -5.01 22.92 -27.78
CA LYS A 272 -3.62 22.73 -28.20
C LYS A 272 -2.80 22.06 -27.09
N GLY A 273 -3.48 21.65 -26.02
CA GLY A 273 -2.80 20.89 -24.99
C GLY A 273 -2.93 21.43 -23.58
N ARG A 274 -3.60 22.57 -23.42
CA ARG A 274 -3.82 23.09 -22.07
C ARG A 274 -4.68 22.10 -21.30
N TYR A 275 -5.78 21.68 -21.92
CA TYR A 275 -6.63 20.65 -21.33
C TYR A 275 -6.47 19.32 -22.07
N GLY A 276 -5.99 19.38 -23.30
CA GLY A 276 -5.78 18.16 -24.06
C GLY A 276 -7.09 17.44 -24.30
N PHE A 277 -7.11 16.14 -23.99
CA PHE A 277 -8.31 15.33 -24.17
C PHE A 277 -9.41 15.69 -23.18
N ILE A 278 -9.03 16.32 -22.07
CA ILE A 278 -10.00 16.59 -21.02
C ILE A 278 -10.55 18.00 -21.16
N LEU A 279 -11.09 18.29 -22.35
CA LEU A 279 -11.62 19.60 -22.67
C LEU A 279 -12.87 19.85 -21.83
N PRO A 280 -12.92 20.99 -21.13
CA PRO A 280 -14.07 21.33 -20.27
C PRO A 280 -15.37 21.31 -21.07
N GLU A 281 -16.45 20.88 -20.43
CA GLU A 281 -17.76 20.90 -21.07
C GLU A 281 -18.12 22.34 -21.44
N SER A 282 -17.53 23.30 -20.73
CA SER A 282 -17.81 24.70 -20.97
C SER A 282 -17.28 25.17 -22.32
N GLN A 283 -16.49 24.33 -22.99
CA GLN A 283 -16.00 24.66 -24.33
C GLN A 283 -16.68 23.85 -25.43
N ILE A 284 -17.58 22.95 -25.06
CA ILE A 284 -18.30 22.15 -26.06
C ILE A 284 -19.02 23.02 -27.09
N GLN A 285 -19.84 23.96 -26.62
CA GLN A 285 -20.63 24.80 -27.52
C GLN A 285 -19.79 25.58 -28.53
N ALA A 286 -18.80 26.32 -28.06
CA ALA A 286 -17.98 27.15 -28.95
C ALA A 286 -17.16 26.29 -29.90
N THR A 287 -16.61 25.19 -29.39
CA THR A 287 -15.85 24.26 -30.22
C THR A 287 -16.72 23.69 -31.33
N CYS A 288 -17.94 23.29 -31.00
CA CYS A 288 -18.82 22.70 -32.00
C CYS A 288 -19.31 23.72 -33.01
N GLU A 289 -19.58 24.95 -32.55
CA GLU A 289 -20.06 26.01 -33.43
C GLU A 289 -19.06 26.35 -34.52
N GLU A 290 -17.79 26.54 -34.12
CA GLU A 290 -16.77 26.93 -35.08
C GLU A 290 -16.46 25.77 -36.03
N THR A 291 -16.51 24.55 -35.50
CA THR A 291 -16.26 23.37 -36.33
C THR A 291 -17.37 23.21 -37.36
N MET A 292 -18.60 23.53 -36.97
CA MET A 292 -19.73 23.52 -37.91
C MET A 292 -19.42 24.37 -39.13
N LEU A 293 -18.83 25.54 -38.91
CA LEU A 293 -18.54 26.44 -40.02
C LEU A 293 -17.58 25.80 -41.01
N ALA A 294 -16.54 25.14 -40.48
CA ALA A 294 -15.56 24.49 -41.34
C ALA A 294 -16.18 23.33 -42.11
N ILE A 295 -17.01 22.55 -41.42
CA ILE A 295 -17.64 21.38 -42.04
C ILE A 295 -18.62 21.83 -43.12
N LYS A 296 -19.42 22.85 -42.82
CA LYS A 296 -20.35 23.37 -43.81
C LYS A 296 -19.63 24.01 -44.99
N TYR A 297 -18.48 24.63 -44.73
CA TYR A 297 -17.70 25.21 -45.82
C TYR A 297 -17.24 24.12 -46.78
N VAL A 298 -16.70 23.04 -46.23
CA VAL A 298 -16.21 21.93 -47.03
C VAL A 298 -17.35 21.32 -47.82
N THR A 299 -18.49 21.13 -47.15
CA THR A 299 -19.67 20.56 -47.80
C THR A 299 -20.10 21.43 -48.98
N ASN A 300 -20.16 22.74 -48.76
CA ASN A 300 -20.55 23.67 -49.82
C ASN A 300 -19.61 23.50 -51.00
N TYR A 301 -18.32 23.36 -50.71
CA TYR A 301 -17.32 23.20 -51.77
C TYR A 301 -17.55 21.90 -52.52
N VAL A 302 -17.68 20.80 -51.78
CA VAL A 302 -17.82 19.50 -52.41
C VAL A 302 -19.06 19.44 -53.27
N LEU A 303 -20.17 19.97 -52.75
CA LEU A 303 -21.42 19.99 -53.49
C LEU A 303 -21.27 20.76 -54.80
N GLY A 304 -20.56 21.87 -54.74
CA GLY A 304 -20.40 22.71 -55.91
C GLY A 304 -19.42 22.14 -56.92
N HIS A 305 -18.73 21.07 -56.55
CA HIS A 305 -17.76 20.43 -57.41
C HIS A 305 -18.08 18.96 -57.63
N LEU A 306 -19.35 18.66 -57.87
CA LEU A 306 -19.77 17.28 -58.11
C LEU A 306 -19.54 16.87 -59.56
N GLY B 3 11.01 13.10 -21.60
CA GLY B 3 11.55 11.79 -21.88
C GLY B 3 11.84 11.02 -20.60
N HIS B 4 12.37 9.81 -20.75
CA HIS B 4 12.75 9.00 -19.59
C HIS B 4 14.14 9.39 -19.11
N SER B 5 14.32 9.37 -17.79
CA SER B 5 15.65 9.52 -17.20
C SER B 5 15.78 8.59 -16.00
N TYR B 6 16.96 8.00 -15.82
CA TYR B 6 17.18 7.12 -14.68
C TYR B 6 17.50 7.87 -13.40
N GLU B 7 17.78 9.16 -13.51
CA GLU B 7 18.03 9.97 -12.31
C GLU B 7 16.92 10.98 -12.07
N LYS B 8 15.75 10.70 -12.65
CA LYS B 8 14.54 11.44 -12.33
C LYS B 8 13.41 10.45 -12.08
N TYR B 9 12.43 10.84 -11.27
CA TYR B 9 11.23 10.02 -11.11
C TYR B 9 10.36 10.24 -12.34
N ASN B 10 9.97 9.14 -12.97
CA ASN B 10 9.22 9.21 -14.22
C ASN B 10 7.76 8.85 -13.97
N ASN B 11 6.85 9.52 -14.66
CA ASN B 11 5.43 9.17 -14.54
C ASN B 11 5.16 7.85 -15.26
N TRP B 12 3.99 7.27 -15.03
CA TRP B 12 3.71 5.95 -15.56
C TRP B 12 3.83 5.91 -17.07
N GLU B 13 3.26 6.90 -17.75
CA GLU B 13 3.32 6.94 -19.21
C GLU B 13 4.76 6.79 -19.68
N THR B 14 5.68 7.45 -18.99
CA THR B 14 7.09 7.43 -19.36
C THR B 14 7.71 6.08 -19.04
N ILE B 15 7.37 5.54 -17.88
CA ILE B 15 7.86 4.21 -17.49
C ILE B 15 7.37 3.15 -18.47
N GLU B 16 6.10 3.22 -18.83
CA GLU B 16 5.53 2.29 -19.80
C GLU B 16 6.27 2.33 -21.13
N ALA B 17 6.51 3.54 -21.64
CA ALA B 17 7.23 3.72 -22.89
C ALA B 17 8.65 3.18 -22.75
N TRP B 18 9.23 3.35 -21.57
CA TRP B 18 10.55 2.85 -21.29
C TRP B 18 10.58 1.32 -21.34
N THR B 19 9.58 0.66 -20.78
CA THR B 19 9.59 -0.80 -20.80
C THR B 19 9.62 -1.32 -22.24
N LYS B 20 8.93 -0.64 -23.15
CA LYS B 20 8.95 -1.04 -24.55
C LYS B 20 10.31 -0.73 -25.19
N GLN B 21 10.81 0.47 -24.95
CA GLN B 21 12.06 0.90 -25.57
C GLN B 21 13.23 0.03 -25.14
N VAL B 22 13.39 -0.16 -23.84
CA VAL B 22 14.54 -0.91 -23.34
C VAL B 22 14.48 -2.37 -23.80
N THR B 23 13.27 -2.91 -23.95
CA THR B 23 13.09 -4.26 -24.46
C THR B 23 13.44 -4.34 -25.95
N SER B 24 12.91 -3.39 -26.72
CA SER B 24 13.15 -3.36 -28.17
C SER B 24 14.63 -3.22 -28.48
N GLU B 25 15.34 -2.48 -27.65
CA GLU B 25 16.77 -2.25 -27.86
C GLU B 25 17.63 -3.42 -27.40
N ASN B 26 17.06 -4.28 -26.56
CA ASN B 26 17.82 -5.37 -25.94
C ASN B 26 17.08 -6.69 -25.95
N PRO B 27 16.57 -7.11 -27.12
CA PRO B 27 15.75 -8.33 -27.17
C PRO B 27 16.56 -9.59 -26.88
N ASP B 28 17.88 -9.46 -26.92
CA ASP B 28 18.76 -10.58 -26.63
C ASP B 28 18.94 -10.80 -25.13
N LEU B 29 18.42 -9.87 -24.33
CA LEU B 29 18.53 -9.97 -22.87
C LEU B 29 17.22 -9.69 -22.13
N ILE B 30 16.25 -9.10 -22.83
CA ILE B 30 14.97 -8.76 -22.21
C ILE B 30 13.79 -9.23 -23.05
N SER B 31 12.82 -9.86 -22.41
CA SER B 31 11.50 -10.02 -23.00
C SER B 31 10.44 -9.43 -22.07
N ARG B 32 9.50 -8.69 -22.65
CA ARG B 32 8.44 -8.06 -21.89
C ARG B 32 7.12 -8.79 -22.08
N THR B 33 6.44 -9.09 -20.99
CA THR B 33 5.06 -9.55 -21.03
C THR B 33 4.25 -8.69 -20.06
N ALA B 34 2.94 -8.85 -20.09
CA ALA B 34 2.08 -8.31 -19.04
C ALA B 34 1.48 -9.52 -18.32
N ILE B 35 1.41 -9.44 -16.99
CA ILE B 35 0.89 -10.55 -16.21
C ILE B 35 -0.54 -10.29 -15.76
N GLY B 36 -1.10 -9.18 -16.22
CA GLY B 36 -2.47 -8.85 -15.87
C GLY B 36 -2.75 -7.37 -16.06
N THR B 37 -3.93 -6.93 -15.63
CA THR B 37 -4.31 -5.52 -15.71
C THR B 37 -4.71 -5.01 -14.33
N THR B 38 -4.45 -3.73 -14.09
CA THR B 38 -4.82 -3.11 -12.83
C THR B 38 -6.33 -2.89 -12.77
N PHE B 39 -6.80 -2.39 -11.62
CA PHE B 39 -8.20 -2.02 -11.46
C PHE B 39 -8.62 -1.03 -12.54
N LEU B 40 -7.72 -0.12 -12.90
CA LEU B 40 -8.04 0.92 -13.88
C LEU B 40 -7.61 0.54 -15.29
N GLY B 41 -7.20 -0.71 -15.48
CA GLY B 41 -6.94 -1.21 -16.83
C GLY B 41 -5.55 -0.94 -17.38
N ASN B 42 -4.61 -0.58 -16.51
CA ASN B 42 -3.23 -0.41 -16.94
C ASN B 42 -2.51 -1.76 -17.01
N ASN B 43 -1.49 -1.86 -17.85
CA ASN B 43 -0.81 -3.13 -18.11
C ASN B 43 0.28 -3.39 -17.07
N ILE B 44 0.19 -4.52 -16.38
CA ILE B 44 1.20 -4.85 -15.38
C ILE B 44 2.37 -5.56 -16.05
N TYR B 45 3.37 -4.78 -16.43
CA TYR B 45 4.50 -5.31 -17.19
C TYR B 45 5.47 -6.09 -16.31
N LEU B 46 6.04 -7.13 -16.91
CA LEU B 46 7.10 -7.90 -16.27
C LEU B 46 8.23 -8.04 -17.28
N LEU B 47 9.44 -7.72 -16.86
CA LEU B 47 10.60 -7.83 -17.75
C LEU B 47 11.41 -9.05 -17.35
N LYS B 48 11.57 -9.99 -18.26
CA LYS B 48 12.41 -11.15 -18.01
C LYS B 48 13.82 -10.84 -18.51
N VAL B 49 14.73 -10.64 -17.57
CA VAL B 49 16.07 -10.18 -17.89
C VAL B 49 17.06 -11.35 -17.74
N GLY B 50 17.78 -11.64 -18.82
CA GLY B 50 18.68 -12.78 -18.82
C GLY B 50 18.89 -13.35 -20.20
N LYS B 51 19.92 -14.17 -20.35
CA LYS B 51 20.22 -14.82 -21.62
C LYS B 51 19.31 -16.03 -21.78
N PRO B 52 18.40 -15.99 -22.76
CA PRO B 52 17.40 -17.06 -22.87
C PRO B 52 18.04 -18.44 -23.00
N GLY B 53 17.42 -19.43 -22.37
CA GLY B 53 17.98 -20.76 -22.34
C GLY B 53 17.05 -21.73 -21.63
N PRO B 54 17.33 -23.04 -21.73
CA PRO B 54 16.48 -24.09 -21.13
C PRO B 54 16.70 -24.25 -19.63
N ASN B 55 15.61 -24.48 -18.91
CA ASN B 55 15.68 -24.95 -17.53
C ASN B 55 16.40 -23.99 -16.59
N LYS B 56 16.28 -22.69 -16.85
CA LYS B 56 16.95 -21.71 -16.01
C LYS B 56 16.17 -21.43 -14.74
N PRO B 57 16.87 -21.39 -13.59
CA PRO B 57 16.31 -20.89 -12.34
C PRO B 57 16.06 -19.39 -12.49
N ALA B 58 15.31 -18.82 -11.55
CA ALA B 58 14.95 -17.41 -11.64
C ALA B 58 14.96 -16.72 -10.28
N ILE B 59 15.22 -15.42 -10.30
CA ILE B 59 14.98 -14.56 -9.16
C ILE B 59 13.88 -13.58 -9.52
N PHE B 60 12.90 -13.42 -8.65
CA PHE B 60 11.80 -12.50 -8.91
C PHE B 60 11.98 -11.22 -8.08
N MET B 61 11.92 -10.08 -8.74
CA MET B 61 12.02 -8.80 -8.04
C MET B 61 10.94 -7.83 -8.50
N ASP B 62 10.23 -7.21 -7.55
CA ASP B 62 9.26 -6.18 -7.90
C ASP B 62 9.52 -4.85 -7.19
N CYS B 63 9.01 -3.78 -7.78
CA CYS B 63 9.07 -2.45 -7.19
C CYS B 63 7.68 -1.83 -7.26
N GLY B 64 7.48 -0.76 -6.51
CA GLY B 64 6.26 0.02 -6.65
C GLY B 64 4.99 -0.60 -6.08
N PHE B 65 5.11 -1.47 -5.07
CA PHE B 65 3.95 -1.91 -4.32
C PHE B 65 3.21 -0.70 -3.78
N HIS B 66 3.96 0.22 -3.19
CA HIS B 66 3.36 1.37 -2.54
C HIS B 66 3.60 2.66 -3.33
N ALA B 67 2.52 3.37 -3.62
CA ALA B 67 2.54 4.44 -4.61
C ALA B 67 3.56 5.55 -4.32
N ARG B 68 3.65 5.96 -3.05
CA ARG B 68 4.48 7.10 -2.68
C ARG B 68 5.97 6.80 -2.58
N GLU B 69 6.33 5.52 -2.61
CA GLU B 69 7.73 5.13 -2.44
C GLU B 69 8.47 5.18 -3.77
N TRP B 70 8.66 6.39 -4.28
CA TRP B 70 9.13 6.61 -5.65
C TRP B 70 10.53 6.09 -5.94
N ILE B 71 11.39 6.04 -4.94
CA ILE B 71 12.75 5.54 -5.17
C ILE B 71 12.72 4.04 -5.47
N SER B 72 11.66 3.36 -5.05
CA SER B 72 11.49 1.95 -5.37
C SER B 72 11.34 1.75 -6.88
N HIS B 73 10.38 2.46 -7.48
CA HIS B 73 10.16 2.39 -8.93
C HIS B 73 11.47 2.70 -9.64
N ALA B 74 12.18 3.71 -9.15
CA ALA B 74 13.41 4.16 -9.79
C ALA B 74 14.44 3.04 -9.81
N PHE B 75 14.51 2.25 -8.74
CA PHE B 75 15.53 1.23 -8.65
C PHE B 75 15.36 0.10 -9.66
N CYS B 76 14.13 -0.37 -9.86
CA CYS B 76 13.92 -1.45 -10.82
C CYS B 76 14.40 -1.01 -12.19
N GLN B 77 14.15 0.25 -12.54
CA GLN B 77 14.62 0.76 -13.81
C GLN B 77 16.14 0.78 -13.84
N TRP B 78 16.76 1.27 -12.77
CA TRP B 78 18.22 1.31 -12.69
C TRP B 78 18.82 -0.09 -12.88
N PHE B 79 18.22 -1.06 -12.22
CA PHE B 79 18.72 -2.44 -12.26
C PHE B 79 18.75 -2.97 -13.70
N VAL B 80 17.66 -2.74 -14.43
CA VAL B 80 17.54 -3.30 -15.76
C VAL B 80 18.61 -2.75 -16.69
N ARG B 81 18.89 -1.46 -16.60
CA ARG B 81 19.95 -0.87 -17.42
C ARG B 81 21.31 -1.47 -17.08
N GLU B 82 21.62 -1.56 -15.79
CA GLU B 82 22.89 -2.13 -15.36
C GLU B 82 23.06 -3.54 -15.89
N ALA B 83 21.99 -4.34 -15.81
CA ALA B 83 22.05 -5.73 -16.25
C ALA B 83 22.43 -5.83 -17.73
N VAL B 84 21.75 -5.08 -18.58
CA VAL B 84 21.96 -5.20 -20.01
C VAL B 84 23.24 -4.52 -20.49
N LEU B 85 23.64 -3.43 -19.84
CA LEU B 85 24.84 -2.72 -20.25
C LEU B 85 26.12 -3.47 -19.88
N THR B 86 26.12 -4.11 -18.72
CA THR B 86 27.33 -4.76 -18.22
C THR B 86 27.40 -6.24 -18.59
N TYR B 87 26.33 -6.78 -19.16
CA TYR B 87 26.37 -8.18 -19.56
C TYR B 87 27.47 -8.39 -20.59
N GLY B 88 28.32 -9.38 -20.33
CA GLY B 88 29.40 -9.69 -21.26
C GLY B 88 30.70 -9.02 -20.86
N TYR B 89 30.63 -8.12 -19.87
CA TYR B 89 31.82 -7.35 -19.48
C TYR B 89 32.12 -7.47 -18.00
N GLU B 90 31.09 -7.38 -17.18
CA GLU B 90 31.25 -7.65 -15.75
C GLU B 90 30.98 -9.13 -15.51
N SER B 91 32.00 -9.85 -15.04
CA SER B 91 31.95 -11.31 -15.00
C SER B 91 30.77 -11.83 -14.17
N HIS B 92 30.52 -11.21 -13.03
CA HIS B 92 29.45 -11.69 -12.16
C HIS B 92 28.07 -11.53 -12.79
N MET B 93 27.76 -10.34 -13.30
CA MET B 93 26.47 -10.13 -13.97
C MET B 93 26.36 -11.01 -15.21
N THR B 94 27.48 -11.23 -15.88
CA THR B 94 27.47 -12.12 -17.04
C THR B 94 27.08 -13.52 -16.63
N GLU B 95 27.68 -14.00 -15.54
CA GLU B 95 27.31 -15.31 -15.00
C GLU B 95 25.85 -15.34 -14.57
N PHE B 96 25.42 -14.28 -13.88
CA PHE B 96 24.04 -14.21 -13.41
C PHE B 96 23.07 -14.44 -14.57
N LEU B 97 23.22 -13.64 -15.62
CA LEU B 97 22.25 -13.65 -16.71
C LEU B 97 22.38 -14.90 -17.60
N ASN B 98 23.56 -15.52 -17.60
CA ASN B 98 23.72 -16.78 -18.31
C ASN B 98 23.05 -17.94 -17.59
N LYS B 99 23.13 -17.93 -16.25
CA LYS B 99 22.67 -19.06 -15.45
C LYS B 99 21.23 -18.93 -14.99
N LEU B 100 20.77 -17.70 -14.79
CA LEU B 100 19.40 -17.49 -14.31
C LEU B 100 18.69 -16.36 -15.03
N ASP B 101 17.39 -16.26 -14.79
CA ASP B 101 16.60 -15.12 -15.25
C ASP B 101 16.20 -14.26 -14.07
N PHE B 102 16.24 -12.94 -14.26
CA PHE B 102 15.63 -12.01 -13.34
C PHE B 102 14.26 -11.64 -13.90
N TYR B 103 13.21 -11.92 -13.14
CA TYR B 103 11.90 -11.35 -13.45
C TYR B 103 11.76 -10.03 -12.71
N VAL B 104 11.77 -8.94 -13.47
CA VAL B 104 11.67 -7.62 -12.88
C VAL B 104 10.29 -7.02 -13.16
N LEU B 105 9.54 -6.76 -12.10
CA LEU B 105 8.23 -6.14 -12.22
C LEU B 105 8.38 -4.68 -11.77
N PRO B 106 8.50 -3.75 -12.73
CA PRO B 106 8.93 -2.37 -12.48
C PRO B 106 7.98 -1.59 -11.58
N VAL B 107 6.68 -1.75 -11.81
CA VAL B 107 5.66 -1.10 -10.97
C VAL B 107 4.45 -2.01 -10.83
N LEU B 108 4.17 -2.46 -9.60
CA LEU B 108 3.00 -3.29 -9.36
C LEU B 108 1.74 -2.44 -9.25
N ASN B 109 1.75 -1.49 -8.33
CA ASN B 109 0.58 -0.66 -8.04
C ASN B 109 0.59 0.58 -8.94
N ILE B 110 0.25 0.37 -10.20
CA ILE B 110 0.34 1.42 -11.20
C ILE B 110 -0.71 2.50 -10.96
N ASP B 111 -1.93 2.11 -10.66
CA ASP B 111 -3.01 3.07 -10.44
C ASP B 111 -2.68 4.03 -9.31
N GLY B 112 -2.19 3.49 -8.20
CA GLY B 112 -1.79 4.31 -7.08
C GLY B 112 -0.68 5.27 -7.45
N TYR B 113 0.30 4.77 -8.21
CA TYR B 113 1.42 5.60 -8.63
C TYR B 113 0.96 6.81 -9.42
N ILE B 114 0.03 6.60 -10.34
CA ILE B 114 -0.51 7.70 -11.13
C ILE B 114 -1.17 8.73 -10.20
N TYR B 115 -1.87 8.24 -9.20
CA TYR B 115 -2.56 9.10 -8.26
C TYR B 115 -1.57 9.98 -7.48
N THR B 116 -0.38 9.47 -7.19
CA THR B 116 0.62 10.28 -6.49
C THR B 116 1.21 11.36 -7.39
N TRP B 117 1.06 11.18 -8.70
CA TRP B 117 1.49 12.18 -9.68
C TRP B 117 0.43 13.24 -9.95
N THR B 118 -0.84 12.87 -9.78
CA THR B 118 -1.94 13.71 -10.23
C THR B 118 -2.72 14.39 -9.11
N LYS B 119 -2.73 13.79 -7.92
CA LYS B 119 -3.65 14.22 -6.89
C LYS B 119 -3.07 14.26 -5.47
N ASN B 120 -2.32 13.23 -5.09
CA ASN B 120 -1.85 13.13 -3.72
C ASN B 120 -0.51 12.40 -3.63
N ARG B 121 0.55 13.17 -3.45
CA ARG B 121 1.91 12.63 -3.44
C ARG B 121 2.07 11.57 -2.36
N MET B 122 1.25 11.64 -1.32
CA MET B 122 1.40 10.75 -0.17
C MET B 122 0.48 9.52 -0.19
N TRP B 123 -0.17 9.27 -1.33
CA TRP B 123 -1.02 8.09 -1.45
C TRP B 123 -0.18 6.81 -1.36
N ARG B 124 -0.77 5.75 -0.83
CA ARG B 124 -0.06 4.49 -0.56
C ARG B 124 -0.72 3.30 -1.27
N LYS B 125 -2.04 3.20 -1.16
CA LYS B 125 -2.77 1.99 -1.53
C LYS B 125 -3.06 1.92 -3.03
N THR B 126 -3.85 0.93 -3.42
CA THR B 126 -4.35 0.87 -4.79
C THR B 126 -5.46 1.92 -4.95
N ARG B 127 -6.16 1.88 -6.07
CA ARG B 127 -7.24 2.83 -6.32
C ARG B 127 -8.56 2.13 -6.62
N SER B 128 -8.70 0.89 -6.16
CA SER B 128 -9.95 0.16 -6.37
C SER B 128 -11.04 0.67 -5.41
N THR B 129 -12.29 0.50 -5.82
CA THR B 129 -13.41 0.94 -5.00
C THR B 129 -13.71 -0.07 -3.91
N ASN B 130 -14.35 0.39 -2.84
CA ASN B 130 -14.71 -0.48 -1.72
C ASN B 130 -16.20 -0.37 -1.45
N ALA B 131 -16.84 -1.53 -1.25
CA ALA B 131 -18.29 -1.56 -1.07
C ALA B 131 -18.70 -0.83 0.19
N GLY B 132 -19.76 -0.04 0.09
CA GLY B 132 -20.35 0.57 1.27
C GLY B 132 -19.64 1.82 1.78
N THR B 133 -18.65 2.30 1.05
CA THR B 133 -17.90 3.47 1.47
C THR B 133 -17.34 4.25 0.29
N THR B 134 -16.97 5.50 0.54
CA THR B 134 -16.33 6.34 -0.47
C THR B 134 -14.81 6.18 -0.38
N CYS B 135 -14.34 5.51 0.66
CA CYS B 135 -12.90 5.31 0.81
C CYS B 135 -12.34 4.37 -0.24
N ILE B 136 -11.21 4.76 -0.81
CA ILE B 136 -10.63 4.07 -1.96
C ILE B 136 -9.39 3.30 -1.56
N GLY B 137 -9.24 2.11 -2.14
CA GLY B 137 -7.94 1.45 -2.11
C GLY B 137 -7.71 0.40 -1.05
N THR B 138 -6.83 -0.54 -1.38
CA THR B 138 -6.37 -1.58 -0.49
C THR B 138 -4.84 -1.51 -0.41
N ASP B 139 -4.28 -1.83 0.74
CA ASP B 139 -2.83 -1.91 0.87
C ASP B 139 -2.38 -3.21 0.22
N PRO B 140 -1.69 -3.13 -0.93
CA PRO B 140 -1.31 -4.36 -1.61
C PRO B 140 -0.45 -5.28 -0.74
N ASN B 141 0.35 -4.70 0.15
CA ASN B 141 1.19 -5.52 1.00
C ASN B 141 0.50 -5.89 2.31
N ARG B 142 -0.84 -5.82 2.32
CA ARG B 142 -1.64 -6.48 3.35
C ARG B 142 -2.63 -7.45 2.68
N ASN B 143 -2.48 -7.66 1.38
CA ASN B 143 -3.51 -8.34 0.60
C ASN B 143 -3.06 -9.74 0.13
N PHE B 144 -1.90 -10.19 0.59
CA PHE B 144 -1.45 -11.53 0.26
C PHE B 144 -1.85 -12.58 1.30
N ASP B 145 -1.81 -13.84 0.89
CA ASP B 145 -2.31 -14.95 1.70
C ASP B 145 -1.23 -15.40 2.69
N ALA B 146 -0.85 -14.48 3.60
CA ALA B 146 0.16 -14.77 4.60
C ALA B 146 -0.37 -14.34 5.97
N GLY B 147 -0.89 -15.30 6.72
CA GLY B 147 -1.65 -14.97 7.93
C GLY B 147 -2.60 -13.82 7.68
N TRP B 148 -3.34 -13.87 6.58
CA TRP B 148 -3.99 -12.69 6.03
C TRP B 148 -4.90 -11.94 7.00
N CYS B 149 -4.65 -10.64 7.14
CA CYS B 149 -5.43 -9.72 7.95
C CYS B 149 -5.59 -10.11 9.41
N THR B 150 -4.63 -10.84 9.96
CA THR B 150 -4.76 -11.28 11.34
C THR B 150 -4.04 -10.35 12.31
N THR B 151 -3.03 -9.64 11.82
CA THR B 151 -2.31 -8.69 12.67
C THR B 151 -1.65 -7.59 11.83
N GLY B 152 -1.43 -6.43 12.46
CA GLY B 152 -0.79 -5.34 11.77
C GLY B 152 -1.50 -4.94 10.49
N ALA B 153 -2.82 -5.12 10.47
CA ALA B 153 -3.62 -4.82 9.29
C ALA B 153 -5.02 -4.38 9.73
N SER B 154 -5.67 -3.58 8.90
CA SER B 154 -6.99 -3.04 9.24
C SER B 154 -8.08 -3.62 8.37
N THR B 155 -9.25 -3.83 8.96
CA THR B 155 -10.44 -4.22 8.21
C THR B 155 -11.24 -2.99 7.80
N ASP B 156 -10.73 -1.81 8.13
CA ASP B 156 -11.39 -0.56 7.75
C ASP B 156 -10.88 -0.07 6.40
N PRO B 157 -11.77 0.00 5.39
CA PRO B 157 -11.41 0.40 4.03
C PRO B 157 -10.71 1.76 3.96
N CYS B 158 -10.90 2.58 4.98
CA CYS B 158 -10.36 3.93 4.97
C CYS B 158 -8.93 4.00 5.48
N ASP B 159 -8.45 2.91 6.08
CA ASP B 159 -7.12 2.91 6.67
C ASP B 159 -6.03 2.62 5.63
N GLU B 160 -4.83 3.15 5.91
CA GLU B 160 -3.69 2.96 5.01
C GLU B 160 -3.26 1.51 4.90
N THR B 161 -3.58 0.71 5.92
CA THR B 161 -3.21 -0.70 5.91
C THR B 161 -4.42 -1.61 5.71
N TYR B 162 -5.46 -1.10 5.07
CA TYR B 162 -6.63 -1.91 4.79
C TYR B 162 -6.22 -3.17 4.03
N CYS B 163 -6.71 -4.32 4.49
CA CYS B 163 -6.21 -5.59 4.01
C CYS B 163 -7.05 -6.14 2.84
N GLY B 164 -8.13 -5.45 2.51
CA GLY B 164 -8.98 -5.90 1.43
C GLY B 164 -10.10 -6.78 1.93
N SER B 165 -10.95 -7.24 1.02
CA SER B 165 -12.09 -8.07 1.40
C SER B 165 -11.68 -9.52 1.61
N ALA B 166 -10.55 -9.89 0.99
CA ALA B 166 -9.99 -11.23 1.13
C ALA B 166 -8.60 -11.22 0.52
N ALA B 167 -7.80 -12.23 0.84
CA ALA B 167 -6.47 -12.34 0.24
C ALA B 167 -6.60 -12.38 -1.27
N GLU B 168 -5.77 -11.59 -1.96
CA GLU B 168 -5.76 -11.54 -3.42
C GLU B 168 -7.07 -10.98 -4.01
N SER B 169 -7.76 -10.16 -3.22
CA SER B 169 -8.96 -9.50 -3.70
C SER B 169 -8.65 -8.43 -4.76
N GLU B 170 -7.42 -7.91 -4.74
CA GLU B 170 -6.99 -6.91 -5.72
C GLU B 170 -6.49 -7.59 -6.99
N LYS B 171 -6.82 -7.03 -8.15
CA LYS B 171 -6.36 -7.60 -9.41
C LYS B 171 -4.83 -7.70 -9.46
N GLU B 172 -4.15 -6.69 -8.92
CA GLU B 172 -2.70 -6.61 -9.03
C GLU B 172 -2.00 -7.68 -8.19
N THR B 173 -2.52 -7.95 -7.00
CA THR B 173 -1.88 -8.94 -6.13
C THR B 173 -2.25 -10.34 -6.59
N LYS B 174 -3.47 -10.52 -7.08
CA LYS B 174 -3.87 -11.78 -7.68
C LYS B 174 -2.99 -12.07 -8.89
N ALA B 175 -2.70 -11.04 -9.68
CA ALA B 175 -1.85 -11.20 -10.86
C ALA B 175 -0.44 -11.65 -10.49
N LEU B 176 0.13 -11.03 -9.47
CA LEU B 176 1.49 -11.37 -9.06
C LEU B 176 1.52 -12.78 -8.44
N ALA B 177 0.56 -13.05 -7.56
CA ALA B 177 0.46 -14.37 -6.93
C ALA B 177 0.28 -15.46 -7.99
N ASP B 178 -0.57 -15.21 -8.98
CA ASP B 178 -0.78 -16.16 -10.07
C ASP B 178 0.52 -16.45 -10.80
N PHE B 179 1.28 -15.41 -11.12
CA PHE B 179 2.50 -15.62 -11.89
C PHE B 179 3.50 -16.45 -11.10
N ILE B 180 3.64 -16.14 -9.82
CA ILE B 180 4.61 -16.86 -9.01
C ILE B 180 4.20 -18.32 -8.82
N ARG B 181 2.92 -18.57 -8.60
CA ARG B 181 2.44 -19.94 -8.49
C ARG B 181 2.71 -20.73 -9.77
N ASN B 182 2.61 -20.06 -10.91
CA ASN B 182 2.75 -20.72 -12.20
C ASN B 182 4.19 -20.99 -12.57
N ASN B 183 5.12 -20.38 -11.84
CA ASN B 183 6.54 -20.51 -12.12
C ASN B 183 7.33 -20.90 -10.88
N LEU B 184 6.63 -21.54 -9.94
CA LEU B 184 7.18 -21.76 -8.62
C LEU B 184 8.45 -22.60 -8.64
N SER B 185 8.52 -23.55 -9.56
CA SER B 185 9.63 -24.49 -9.58
C SER B 185 10.94 -23.83 -10.01
N SER B 186 10.86 -22.70 -10.69
CA SER B 186 12.07 -22.04 -11.17
C SER B 186 12.53 -20.89 -10.29
N ILE B 187 11.58 -20.28 -9.56
CA ILE B 187 11.88 -19.09 -8.76
C ILE B 187 12.53 -19.46 -7.43
N LYS B 188 13.77 -19.01 -7.25
CA LYS B 188 14.57 -19.41 -6.09
C LYS B 188 14.69 -18.29 -5.06
N ALA B 189 14.34 -17.08 -5.46
CA ALA B 189 14.44 -15.94 -4.56
C ALA B 189 13.39 -14.89 -4.90
N TYR B 190 12.89 -14.21 -3.86
CA TYR B 190 11.90 -13.16 -4.05
C TYR B 190 12.37 -11.87 -3.37
N LEU B 191 12.48 -10.80 -4.15
CA LEU B 191 12.98 -9.52 -3.64
C LEU B 191 11.95 -8.45 -3.93
N THR B 192 11.53 -7.74 -2.89
CA THR B 192 10.48 -6.75 -3.06
C THR B 192 10.95 -5.40 -2.52
N ILE B 193 10.96 -4.38 -3.38
CA ILE B 193 11.65 -3.14 -3.09
C ILE B 193 10.69 -2.05 -2.57
N HIS B 194 11.05 -1.46 -1.44
CA HIS B 194 10.21 -0.44 -0.79
C HIS B 194 11.11 0.71 -0.31
N SER B 195 10.49 1.77 0.18
CA SER B 195 11.20 2.74 1.02
C SER B 195 10.22 3.23 2.11
N TYR B 196 10.72 3.84 3.18
CA TYR B 196 12.14 4.04 3.46
C TYR B 196 12.45 3.37 4.80
N SER B 197 13.72 3.43 5.21
CA SER B 197 14.18 2.96 6.53
C SER B 197 15.61 2.43 6.51
N GLN B 198 16.11 2.12 5.31
CA GLN B 198 17.42 1.52 5.17
C GLN B 198 17.53 0.23 5.98
N MET B 199 16.73 -0.76 5.57
CA MET B 199 16.72 -2.07 6.21
C MET B 199 16.61 -3.17 5.17
N ILE B 200 17.12 -4.35 5.51
CA ILE B 200 16.75 -5.57 4.81
C ILE B 200 15.99 -6.49 5.77
N LEU B 201 14.72 -6.74 5.48
CA LEU B 201 13.89 -7.60 6.30
C LEU B 201 13.64 -8.93 5.61
N TYR B 202 13.45 -9.98 6.41
CA TYR B 202 13.00 -11.27 5.89
C TYR B 202 11.89 -11.80 6.80
N PRO B 203 11.26 -12.92 6.44
CA PRO B 203 10.10 -13.38 7.22
C PRO B 203 10.48 -13.67 8.67
N TYR B 204 9.51 -13.62 9.58
CA TYR B 204 8.10 -13.34 9.27
C TYR B 204 7.65 -12.00 9.83
N SER B 205 6.64 -11.42 9.20
CA SER B 205 5.97 -10.25 9.74
C SER B 205 4.55 -10.54 10.24
N TYR B 206 3.90 -11.58 9.70
CA TYR B 206 2.55 -11.88 10.15
C TYR B 206 2.53 -12.67 11.46
N ASP B 207 3.69 -13.16 11.88
CA ASP B 207 3.83 -13.85 13.16
C ASP B 207 5.25 -13.64 13.67
N TYR B 208 5.45 -13.78 14.97
CA TYR B 208 6.78 -13.63 15.56
C TYR B 208 7.60 -14.91 15.50
N LYS B 209 7.01 -15.98 15.00
CA LYS B 209 7.75 -17.22 14.74
C LYS B 209 8.89 -16.91 13.78
N LEU B 210 9.98 -17.66 13.88
CA LEU B 210 11.12 -17.46 12.98
C LEU B 210 11.11 -18.48 11.84
N PRO B 211 11.53 -18.07 10.64
CA PRO B 211 11.63 -19.02 9.53
C PRO B 211 12.68 -20.08 9.86
N GLU B 212 12.52 -21.27 9.28
CA GLU B 212 13.41 -22.38 9.59
C GLU B 212 14.85 -22.08 9.19
N ASN B 213 15.05 -21.28 8.14
CA ASN B 213 16.39 -20.88 7.78
C ASN B 213 16.72 -19.47 8.26
N ASN B 214 16.22 -19.13 9.45
CA ASN B 214 16.47 -17.83 10.06
C ASN B 214 17.95 -17.46 10.12
N ALA B 215 18.79 -18.38 10.59
CA ALA B 215 20.20 -18.09 10.77
C ALA B 215 20.87 -17.80 9.42
N GLU B 216 20.53 -18.59 8.41
CA GLU B 216 21.09 -18.38 7.07
C GLU B 216 20.67 -17.04 6.50
N LEU B 217 19.40 -16.69 6.67
CA LEU B 217 18.89 -15.43 6.15
C LEU B 217 19.51 -14.26 6.89
N ASN B 218 19.71 -14.42 8.19
CA ASN B 218 20.31 -13.36 8.98
C ASN B 218 21.75 -13.11 8.56
N ASN B 219 22.50 -14.18 8.33
CA ASN B 219 23.89 -14.07 7.92
C ASN B 219 24.00 -13.46 6.53
N LEU B 220 23.05 -13.81 5.67
CA LEU B 220 23.05 -13.29 4.30
C LEU B 220 22.72 -11.80 4.31
N ALA B 221 21.73 -11.42 5.11
CA ALA B 221 21.36 -10.01 5.22
C ALA B 221 22.52 -9.20 5.77
N LYS B 222 23.18 -9.73 6.79
CA LYS B 222 24.31 -9.04 7.41
C LYS B 222 25.42 -8.80 6.39
N ALA B 223 25.71 -9.80 5.57
CA ALA B 223 26.76 -9.68 4.57
C ALA B 223 26.36 -8.69 3.48
N ALA B 224 25.08 -8.65 3.16
CA ALA B 224 24.59 -7.79 2.09
C ALA B 224 24.62 -6.32 2.51
N VAL B 225 24.29 -6.03 3.76
CA VAL B 225 24.31 -4.65 4.23
C VAL B 225 25.75 -4.15 4.37
N LYS B 226 26.66 -5.05 4.74
CA LYS B 226 28.07 -4.72 4.79
C LYS B 226 28.56 -4.36 3.39
N GLU B 227 28.19 -5.17 2.40
CA GLU B 227 28.56 -4.92 1.02
C GLU B 227 28.01 -3.58 0.53
N LEU B 228 26.77 -3.28 0.93
CA LEU B 228 26.12 -2.04 0.49
C LEU B 228 26.84 -0.81 1.04
N ALA B 229 27.31 -0.90 2.29
CA ALA B 229 27.95 0.24 2.94
C ALA B 229 29.30 0.60 2.31
N THR B 230 29.89 -0.33 1.58
CA THR B 230 31.23 -0.13 1.04
C THR B 230 31.28 1.03 0.03
N LEU B 231 30.14 1.37 -0.56
CA LEU B 231 30.13 2.34 -1.64
C LEU B 231 30.10 3.77 -1.13
N TYR B 232 29.20 4.05 -0.19
CA TYR B 232 29.00 5.41 0.30
C TYR B 232 28.84 5.48 1.82
N GLY B 233 29.04 4.34 2.48
CA GLY B 233 28.97 4.31 3.93
C GLY B 233 27.57 4.22 4.49
N THR B 234 26.58 4.04 3.62
CA THR B 234 25.19 4.01 4.04
C THR B 234 24.94 2.80 4.94
N LYS B 235 24.30 3.05 6.08
CA LYS B 235 24.11 2.00 7.08
C LYS B 235 22.69 1.44 7.08
N TYR B 236 22.59 0.13 6.85
CA TYR B 236 21.31 -0.59 6.90
C TYR B 236 21.27 -1.46 8.16
N THR B 237 20.08 -1.64 8.71
CA THR B 237 19.84 -2.71 9.69
C THR B 237 19.04 -3.82 9.05
N TYR B 238 18.86 -4.93 9.75
CA TYR B 238 18.26 -6.13 9.17
C TYR B 238 17.71 -7.08 10.23
N GLY B 239 16.81 -7.97 9.80
CA GLY B 239 16.27 -8.98 10.70
C GLY B 239 14.88 -9.44 10.29
N PRO B 240 14.24 -10.32 11.06
CA PRO B 240 12.87 -10.76 10.78
C PRO B 240 11.91 -9.59 10.85
N GLY B 241 10.93 -9.56 9.95
CA GLY B 241 10.04 -8.41 9.85
C GLY B 241 9.36 -7.98 11.14
N ALA B 242 8.74 -8.92 11.83
CA ALA B 242 7.83 -8.54 12.92
C ALA B 242 8.58 -7.81 14.03
N THR B 243 9.77 -8.28 14.36
CA THR B 243 10.52 -7.77 15.50
C THR B 243 11.40 -6.60 15.11
N THR B 244 11.79 -6.55 13.85
CA THR B 244 12.75 -5.54 13.39
C THR B 244 12.09 -4.22 13.05
N ILE B 245 10.86 -4.26 12.57
CA ILE B 245 10.18 -3.02 12.25
C ILE B 245 8.75 -2.96 12.82
N TYR B 246 7.91 -3.94 12.47
CA TYR B 246 6.61 -4.11 13.14
C TYR B 246 5.89 -5.34 12.61
N PRO B 247 4.92 -5.85 13.39
CA PRO B 247 4.06 -6.92 12.90
C PRO B 247 3.10 -6.41 11.83
N ALA B 248 2.83 -7.26 10.85
CA ALA B 248 1.99 -6.89 9.71
C ALA B 248 1.76 -8.14 8.88
N ALA B 249 0.50 -8.57 8.83
CA ALA B 249 0.12 -9.75 8.06
C ALA B 249 -0.14 -9.39 6.60
N GLY B 250 -0.11 -10.39 5.74
CA GLY B 250 -0.54 -10.19 4.37
C GLY B 250 0.50 -9.65 3.42
N GLY B 251 1.78 -9.76 3.80
CA GLY B 251 2.84 -9.25 2.96
C GLY B 251 3.31 -10.27 1.95
N SER B 252 3.81 -9.79 0.81
CA SER B 252 4.24 -10.67 -0.28
C SER B 252 5.51 -11.42 0.04
N ASP B 253 6.40 -10.82 0.84
CA ASP B 253 7.63 -11.52 1.19
C ASP B 253 7.34 -12.77 2.01
N ASP B 254 6.43 -12.66 2.98
CA ASP B 254 6.02 -13.81 3.78
C ASP B 254 5.29 -14.85 2.93
N TRP B 255 4.40 -14.39 2.04
CA TRP B 255 3.67 -15.30 1.19
C TRP B 255 4.61 -16.11 0.30
N ALA B 256 5.54 -15.41 -0.33
CA ALA B 256 6.48 -16.05 -1.24
C ALA B 256 7.27 -17.12 -0.50
N TYR B 257 7.73 -16.77 0.70
CA TYR B 257 8.51 -17.70 1.50
C TYR B 257 7.67 -18.92 1.86
N ASP B 258 6.41 -18.69 2.23
CA ASP B 258 5.51 -19.79 2.56
C ASP B 258 5.24 -20.70 1.37
N GLN B 259 5.48 -20.19 0.16
CA GLN B 259 5.31 -20.99 -1.05
C GLN B 259 6.53 -21.87 -1.33
N GLY B 260 7.58 -21.68 -0.55
CA GLY B 260 8.78 -22.48 -0.73
C GLY B 260 9.97 -21.71 -1.28
N ILE B 261 9.81 -20.42 -1.48
CA ILE B 261 10.91 -19.59 -1.95
C ILE B 261 11.74 -19.17 -0.73
N LYS B 262 12.89 -19.82 -0.57
CA LYS B 262 13.62 -19.79 0.70
C LYS B 262 14.37 -18.48 0.94
N TYR B 263 14.68 -17.76 -0.13
CA TYR B 263 15.33 -16.47 0.02
C TYR B 263 14.35 -15.37 -0.35
N SER B 264 13.76 -14.77 0.66
CA SER B 264 12.73 -13.76 0.47
C SER B 264 13.06 -12.53 1.30
N PHE B 265 13.15 -11.38 0.64
CA PHE B 265 13.61 -10.17 1.31
C PHE B 265 12.79 -8.95 0.91
N THR B 266 12.43 -8.14 1.89
CA THR B 266 11.92 -6.80 1.64
C THR B 266 13.06 -5.81 1.87
N PHE B 267 13.37 -5.03 0.84
CA PHE B 267 14.35 -3.96 0.96
C PHE B 267 13.65 -2.65 1.26
N GLU B 268 14.15 -1.93 2.26
CA GLU B 268 13.71 -0.56 2.51
C GLU B 268 14.88 0.37 2.20
N LEU B 269 14.74 1.18 1.15
CA LEU B 269 15.85 2.01 0.69
C LEU B 269 15.92 3.33 1.47
N ARG B 270 16.73 4.26 0.98
CA ARG B 270 16.95 5.55 1.65
C ARG B 270 15.63 6.33 1.78
N ASP B 271 15.54 7.23 2.75
CA ASP B 271 16.58 7.40 3.77
C ASP B 271 16.07 6.88 5.11
N LYS B 272 16.38 7.58 6.21
CA LYS B 272 15.91 7.15 7.51
C LYS B 272 14.86 8.10 8.07
N GLY B 273 14.36 9.00 7.24
CA GLY B 273 13.25 9.84 7.63
C GLY B 273 13.43 11.32 7.39
N ARG B 274 14.64 11.76 7.09
CA ARG B 274 14.88 13.19 6.87
C ARG B 274 14.01 13.69 5.72
N TYR B 275 14.05 12.98 4.60
CA TYR B 275 13.16 13.26 3.48
C TYR B 275 12.06 12.22 3.40
N GLY B 276 12.32 11.03 3.93
CA GLY B 276 11.30 10.00 3.91
C GLY B 276 10.93 9.60 2.50
N PHE B 277 9.64 9.60 2.18
CA PHE B 277 9.16 9.18 0.87
C PHE B 277 9.54 10.17 -0.21
N ILE B 278 9.79 11.42 0.19
CA ILE B 278 10.10 12.46 -0.78
C ILE B 278 11.60 12.58 -0.95
N LEU B 279 12.24 11.48 -1.30
CA LEU B 279 13.70 11.46 -1.45
C LEU B 279 14.08 12.29 -2.66
N PRO B 280 15.04 13.21 -2.49
CA PRO B 280 15.46 14.08 -3.60
C PRO B 280 15.98 13.28 -4.78
N GLU B 281 15.69 13.76 -5.99
CA GLU B 281 16.16 13.07 -7.19
C GLU B 281 17.69 13.04 -7.21
N SER B 282 18.32 13.97 -6.51
CA SER B 282 19.78 14.02 -6.46
C SER B 282 20.39 12.79 -5.77
N GLN B 283 19.57 12.07 -5.01
CA GLN B 283 20.04 10.87 -4.33
C GLN B 283 19.70 9.57 -5.04
N ILE B 284 18.97 9.66 -6.15
CA ILE B 284 18.58 8.44 -6.87
C ILE B 284 19.78 7.60 -7.28
N GLN B 285 20.76 8.23 -7.90
CA GLN B 285 21.93 7.51 -8.42
C GLN B 285 22.69 6.76 -7.33
N ALA B 286 23.07 7.47 -6.28
CA ALA B 286 23.82 6.86 -5.18
C ALA B 286 22.99 5.79 -4.46
N THR B 287 21.70 6.02 -4.33
CA THR B 287 20.83 5.03 -3.68
C THR B 287 20.77 3.75 -4.50
N CYS B 288 20.58 3.90 -5.81
CA CYS B 288 20.46 2.73 -6.67
C CYS B 288 21.77 1.96 -6.78
N GLU B 289 22.89 2.67 -6.88
CA GLU B 289 24.18 1.99 -7.02
C GLU B 289 24.54 1.12 -5.81
N GLU B 290 24.34 1.64 -4.60
CA GLU B 290 24.64 0.86 -3.40
C GLU B 290 23.65 -0.30 -3.26
N THR B 291 22.40 -0.07 -3.65
CA THR B 291 21.40 -1.13 -3.59
C THR B 291 21.77 -2.25 -4.56
N MET B 292 22.26 -1.88 -5.75
CA MET B 292 22.74 -2.88 -6.71
C MET B 292 23.73 -3.86 -6.08
N LEU B 293 24.64 -3.34 -5.24
CA LEU B 293 25.66 -4.18 -4.64
C LEU B 293 25.04 -5.26 -3.74
N ALA B 294 24.04 -4.88 -2.96
CA ALA B 294 23.35 -5.82 -2.09
C ALA B 294 22.56 -6.83 -2.91
N ILE B 295 21.87 -6.35 -3.94
CA ILE B 295 21.11 -7.25 -4.80
C ILE B 295 22.01 -8.26 -5.49
N LYS B 296 23.14 -7.80 -6.00
CA LYS B 296 24.09 -8.70 -6.65
C LYS B 296 24.73 -9.69 -5.66
N TYR B 297 24.97 -9.24 -4.43
CA TYR B 297 25.51 -10.12 -3.41
C TYR B 297 24.54 -11.28 -3.16
N VAL B 298 23.27 -10.94 -3.00
CA VAL B 298 22.23 -11.94 -2.75
C VAL B 298 22.08 -12.89 -3.92
N THR B 299 22.14 -12.35 -5.13
CA THR B 299 22.02 -13.17 -6.33
C THR B 299 23.17 -14.17 -6.41
N ASN B 300 24.37 -13.70 -6.11
CA ASN B 300 25.54 -14.56 -6.19
C ASN B 300 25.40 -15.69 -5.20
N TYR B 301 24.92 -15.36 -4.01
CA TYR B 301 24.73 -16.37 -2.97
C TYR B 301 23.70 -17.39 -3.45
N VAL B 302 22.59 -16.91 -3.99
CA VAL B 302 21.52 -17.80 -4.43
C VAL B 302 22.03 -18.77 -5.50
N LEU B 303 22.81 -18.24 -6.44
CA LEU B 303 23.35 -19.06 -7.52
C LEU B 303 24.18 -20.21 -6.97
N GLY B 304 24.91 -19.93 -5.90
CA GLY B 304 25.80 -20.93 -5.34
C GLY B 304 25.10 -21.90 -4.42
N HIS B 305 23.81 -21.64 -4.16
CA HIS B 305 23.03 -22.51 -3.29
C HIS B 305 21.77 -22.99 -4.00
N LEU B 306 21.95 -23.52 -5.21
CA LEU B 306 20.83 -24.07 -5.97
C LEU B 306 20.73 -25.57 -5.72
N GLY C 3 -14.43 8.67 43.44
CA GLY C 3 -13.95 8.38 42.10
C GLY C 3 -12.47 8.07 42.08
N HIS C 4 -12.01 7.48 40.97
CA HIS C 4 -10.62 7.08 40.85
C HIS C 4 -9.72 8.25 40.47
N SER C 5 -8.50 8.25 40.96
CA SER C 5 -7.50 9.25 40.58
C SER C 5 -6.11 8.61 40.54
N TYR C 6 -5.34 8.93 39.50
CA TYR C 6 -3.98 8.43 39.38
C TYR C 6 -3.02 9.21 40.27
N GLU C 7 -3.50 10.32 40.82
CA GLU C 7 -2.67 11.17 41.67
C GLU C 7 -3.20 11.24 43.09
N LYS C 8 -4.05 10.28 43.44
CA LYS C 8 -4.47 10.08 44.83
C LYS C 8 -4.43 8.59 45.12
N TYR C 9 -4.34 8.22 46.40
CA TYR C 9 -4.44 6.82 46.76
C TYR C 9 -5.91 6.41 46.75
N ASN C 10 -6.19 5.28 46.10
CA ASN C 10 -7.56 4.80 45.92
C ASN C 10 -7.84 3.60 46.81
N ASN C 11 -9.01 3.55 47.45
CA ASN C 11 -9.34 2.39 48.26
C ASN C 11 -9.66 1.22 47.34
N TRP C 12 -9.80 0.02 47.92
CA TRP C 12 -9.91 -1.16 47.08
C TRP C 12 -11.15 -1.15 46.21
N GLU C 13 -12.28 -0.68 46.75
CA GLU C 13 -13.50 -0.64 45.94
C GLU C 13 -13.25 0.18 44.67
N THR C 14 -12.55 1.28 44.82
CA THR C 14 -12.24 2.17 43.71
C THR C 14 -11.27 1.52 42.72
N ILE C 15 -10.25 0.85 43.24
CA ILE C 15 -9.29 0.17 42.38
C ILE C 15 -9.96 -0.98 41.64
N GLU C 16 -10.78 -1.73 42.36
CA GLU C 16 -11.52 -2.83 41.75
C GLU C 16 -12.40 -2.33 40.61
N ALA C 17 -13.17 -1.27 40.88
CA ALA C 17 -14.01 -0.67 39.86
C ALA C 17 -13.16 -0.16 38.70
N TRP C 18 -11.97 0.33 39.02
CA TRP C 18 -11.07 0.82 37.99
C TRP C 18 -10.59 -0.31 37.07
N THR C 19 -10.30 -1.48 37.64
CA THR C 19 -9.81 -2.59 36.82
C THR C 19 -10.86 -2.99 35.80
N LYS C 20 -12.13 -2.92 36.19
CA LYS C 20 -13.25 -3.25 35.30
C LYS C 20 -13.38 -2.20 34.21
N GLN C 21 -13.29 -0.94 34.62
CA GLN C 21 -13.54 0.19 33.72
C GLN C 21 -12.43 0.36 32.70
N VAL C 22 -11.18 0.36 33.16
CA VAL C 22 -10.07 0.57 32.25
C VAL C 22 -10.00 -0.58 31.25
N THR C 23 -10.49 -1.75 31.64
CA THR C 23 -10.55 -2.89 30.74
C THR C 23 -11.62 -2.69 29.67
N SER C 24 -12.82 -2.31 30.08
CA SER C 24 -13.91 -2.12 29.12
C SER C 24 -13.58 -0.99 28.15
N GLU C 25 -12.85 0.01 28.63
CA GLU C 25 -12.48 1.16 27.80
C GLU C 25 -11.37 0.81 26.80
N ASN C 26 -10.65 -0.27 27.08
CA ASN C 26 -9.49 -0.63 26.25
C ASN C 26 -9.49 -2.09 25.85
N PRO C 27 -10.58 -2.56 25.20
CA PRO C 27 -10.78 -3.98 24.90
C PRO C 27 -9.69 -4.59 24.02
N ASP C 28 -9.02 -3.77 23.23
CA ASP C 28 -8.01 -4.27 22.30
C ASP C 28 -6.60 -4.23 22.91
N LEU C 29 -6.51 -3.88 24.18
CA LEU C 29 -5.21 -3.83 24.84
C LEU C 29 -5.23 -4.47 26.23
N ILE C 30 -6.40 -4.59 26.83
CA ILE C 30 -6.48 -5.09 28.20
C ILE C 30 -7.57 -6.13 28.39
N SER C 31 -7.21 -7.24 29.02
CA SER C 31 -8.21 -8.18 29.53
C SER C 31 -7.99 -8.40 31.02
N ARG C 32 -9.07 -8.72 31.73
CA ARG C 32 -9.03 -8.89 33.17
C ARG C 32 -9.46 -10.30 33.57
N THR C 33 -8.68 -10.90 34.46
CA THR C 33 -9.07 -12.17 35.06
C THR C 33 -8.86 -12.10 36.56
N ALA C 34 -9.26 -13.15 37.27
CA ALA C 34 -8.97 -13.29 38.69
C ALA C 34 -8.17 -14.58 38.87
N ILE C 35 -7.10 -14.52 39.65
CA ILE C 35 -6.22 -15.67 39.79
C ILE C 35 -6.56 -16.49 41.04
N GLY C 36 -7.56 -16.01 41.78
CA GLY C 36 -7.94 -16.67 43.02
C GLY C 36 -8.66 -15.69 43.93
N THR C 37 -8.83 -16.05 45.19
CA THR C 37 -9.46 -15.16 46.16
C THR C 37 -8.62 -15.04 47.43
N THR C 38 -8.85 -13.98 48.19
CA THR C 38 -8.13 -13.77 49.44
C THR C 38 -8.76 -14.53 50.59
N PHE C 39 -8.14 -14.46 51.77
CA PHE C 39 -8.68 -15.09 52.96
C PHE C 39 -10.11 -14.63 53.22
N LEU C 40 -10.37 -13.34 53.00
CA LEU C 40 -11.71 -12.78 53.24
C LEU C 40 -12.65 -12.93 52.05
N GLY C 41 -12.18 -13.54 50.97
CA GLY C 41 -13.04 -13.86 49.84
C GLY C 41 -13.07 -12.82 48.71
N ASN C 42 -12.10 -11.91 48.70
CA ASN C 42 -12.02 -10.90 47.65
C ASN C 42 -11.32 -11.44 46.40
N ASN C 43 -11.81 -11.05 45.22
CA ASN C 43 -11.21 -11.49 43.97
C ASN C 43 -9.85 -10.83 43.75
N ILE C 44 -8.83 -11.65 43.48
CA ILE C 44 -7.49 -11.14 43.18
C ILE C 44 -7.36 -10.90 41.67
N TYR C 45 -7.62 -9.67 41.26
CA TYR C 45 -7.64 -9.35 39.84
C TYR C 45 -6.26 -9.20 39.22
N LEU C 46 -6.16 -9.60 37.97
CA LEU C 46 -4.94 -9.51 37.19
C LEU C 46 -5.29 -8.91 35.83
N LEU C 47 -4.54 -7.88 35.43
CA LEU C 47 -4.72 -7.29 34.12
C LEU C 47 -3.66 -7.82 33.16
N LYS C 48 -4.09 -8.24 31.98
CA LYS C 48 -3.15 -8.58 30.91
C LYS C 48 -3.15 -7.45 29.89
N VAL C 49 -2.03 -6.73 29.83
CA VAL C 49 -1.91 -5.57 28.95
C VAL C 49 -1.05 -5.91 27.74
N GLY C 50 -1.61 -5.71 26.55
CA GLY C 50 -0.85 -6.00 25.34
C GLY C 50 -1.75 -6.24 24.14
N LYS C 51 -1.18 -6.09 22.96
CA LYS C 51 -1.90 -6.38 21.73
C LYS C 51 -2.07 -7.89 21.62
N PRO C 52 -3.32 -8.37 21.62
CA PRO C 52 -3.57 -9.82 21.63
C PRO C 52 -2.91 -10.52 20.45
N GLY C 53 -2.37 -11.70 20.71
CA GLY C 53 -1.68 -12.45 19.67
C GLY C 53 -1.24 -13.80 20.18
N PRO C 54 -0.83 -14.71 19.27
CA PRO C 54 -0.40 -16.07 19.62
C PRO C 54 1.00 -16.12 20.24
N ASN C 55 1.17 -16.99 21.22
CA ASN C 55 2.50 -17.38 21.68
C ASN C 55 3.31 -16.20 22.23
N LYS C 56 2.65 -15.29 22.95
CA LYS C 56 3.32 -14.09 23.45
C LYS C 56 4.09 -14.34 24.74
N PRO C 57 5.38 -13.95 24.76
CA PRO C 57 6.14 -13.84 26.01
C PRO C 57 5.49 -12.77 26.87
N ALA C 58 5.84 -12.74 28.16
CA ALA C 58 5.24 -11.78 29.05
C ALA C 58 6.22 -11.30 30.11
N ILE C 59 5.98 -10.11 30.62
CA ILE C 59 6.59 -9.67 31.86
C ILE C 59 5.51 -9.59 32.92
N PHE C 60 5.83 -10.05 34.13
CA PHE C 60 4.85 -10.06 35.20
C PHE C 60 5.25 -9.06 36.27
N MET C 61 4.31 -8.19 36.64
CA MET C 61 4.55 -7.20 37.68
C MET C 61 3.41 -7.20 38.68
N ASP C 62 3.74 -7.27 39.98
CA ASP C 62 2.73 -7.10 41.00
C ASP C 62 3.02 -5.91 41.91
N CYS C 63 1.96 -5.38 42.50
CA CYS C 63 2.09 -4.34 43.51
C CYS C 63 1.27 -4.77 44.72
N GLY C 64 1.47 -4.08 45.84
CA GLY C 64 0.60 -4.29 46.98
C GLY C 64 0.78 -5.62 47.71
N PHE C 65 1.96 -6.20 47.64
CA PHE C 65 2.30 -7.31 48.52
C PHE C 65 2.06 -6.90 49.96
N HIS C 66 2.57 -5.72 50.31
CA HIS C 66 2.51 -5.23 51.67
C HIS C 66 1.52 -4.09 51.78
N ALA C 67 0.60 -4.20 52.73
CA ALA C 67 -0.60 -3.38 52.74
C ALA C 67 -0.32 -1.87 52.87
N ARG C 68 0.64 -1.52 53.71
CA ARG C 68 0.90 -0.11 54.03
C ARG C 68 1.74 0.61 52.98
N GLU C 69 2.24 -0.13 52.00
CA GLU C 69 3.11 0.46 50.99
C GLU C 69 2.28 1.04 49.83
N TRP C 70 1.49 2.05 50.14
CA TRP C 70 0.47 2.56 49.22
C TRP C 70 0.99 3.05 47.87
N ILE C 71 2.21 3.57 47.84
CA ILE C 71 2.75 4.08 46.58
C ILE C 71 2.96 2.92 45.61
N SER C 72 3.10 1.71 46.14
CA SER C 72 3.21 0.51 45.32
C SER C 72 1.93 0.32 44.49
N HIS C 73 0.80 0.26 45.18
CA HIS C 73 -0.49 0.07 44.51
C HIS C 73 -0.69 1.16 43.47
N ALA C 74 -0.32 2.39 43.84
CA ALA C 74 -0.50 3.54 42.96
C ALA C 74 0.28 3.38 41.67
N PHE C 75 1.46 2.76 41.74
CA PHE C 75 2.27 2.64 40.54
C PHE C 75 1.70 1.67 39.51
N CYS C 76 1.20 0.53 39.97
CA CYS C 76 0.63 -0.43 39.03
C CYS C 76 -0.49 0.23 38.22
N GLN C 77 -1.31 1.03 38.88
CA GLN C 77 -2.36 1.76 38.19
C GLN C 77 -1.77 2.74 37.19
N TRP C 78 -0.76 3.49 37.61
CA TRP C 78 -0.11 4.46 36.73
C TRP C 78 0.46 3.79 35.48
N PHE C 79 1.10 2.63 35.67
CA PHE C 79 1.74 1.93 34.55
C PHE C 79 0.72 1.58 33.48
N VAL C 80 -0.42 1.04 33.91
CA VAL C 80 -1.47 0.65 32.97
C VAL C 80 -1.92 1.84 32.12
N ARG C 81 -2.09 3.00 32.75
CA ARG C 81 -2.54 4.17 32.02
C ARG C 81 -1.49 4.62 31.00
N GLU C 82 -0.23 4.62 31.41
CA GLU C 82 0.84 4.98 30.49
C GLU C 82 0.84 4.04 29.30
N ALA C 83 0.56 2.77 29.56
CA ALA C 83 0.56 1.76 28.52
C ALA C 83 -0.46 2.12 27.43
N VAL C 84 -1.63 2.57 27.86
CA VAL C 84 -2.71 2.90 26.92
C VAL C 84 -2.55 4.31 26.36
N LEU C 85 -1.94 5.20 27.13
CA LEU C 85 -1.67 6.55 26.66
C LEU C 85 -0.60 6.59 25.57
N THR C 86 0.32 5.62 25.60
CA THR C 86 1.48 5.70 24.71
C THR C 86 1.54 4.60 23.66
N TYR C 87 0.75 3.55 23.81
CA TYR C 87 0.76 2.50 22.80
C TYR C 87 0.27 3.04 21.47
N GLY C 88 1.05 2.84 20.41
CA GLY C 88 0.68 3.33 19.10
C GLY C 88 1.21 4.72 18.82
N TYR C 89 1.80 5.34 19.83
CA TYR C 89 2.37 6.68 19.68
C TYR C 89 3.89 6.68 19.81
N GLU C 90 4.38 5.98 20.83
CA GLU C 90 5.81 5.92 21.10
C GLU C 90 6.34 4.58 20.62
N SER C 91 7.51 4.60 19.99
CA SER C 91 8.06 3.39 19.39
C SER C 91 8.23 2.24 20.39
N HIS C 92 8.78 2.55 21.55
CA HIS C 92 9.11 1.52 22.52
C HIS C 92 7.88 0.82 23.10
N MET C 93 6.94 1.58 23.64
CA MET C 93 5.76 0.94 24.24
C MET C 93 4.99 0.18 23.18
N THR C 94 5.00 0.69 21.95
CA THR C 94 4.29 0.02 20.87
C THR C 94 4.96 -1.32 20.58
N GLU C 95 6.27 -1.31 20.44
CA GLU C 95 7.02 -2.54 20.24
C GLU C 95 6.81 -3.50 21.42
N PHE C 96 6.84 -2.96 22.64
CA PHE C 96 6.65 -3.78 23.83
C PHE C 96 5.36 -4.58 23.77
N LEU C 97 4.24 -3.89 23.57
CA LEU C 97 2.93 -4.51 23.70
C LEU C 97 2.55 -5.31 22.46
N ASN C 98 3.25 -5.10 21.36
CA ASN C 98 3.05 -5.93 20.19
C ASN C 98 3.68 -7.31 20.37
N LYS C 99 4.89 -7.33 20.95
CA LYS C 99 5.66 -8.56 21.07
C LYS C 99 5.29 -9.34 22.34
N LEU C 100 5.09 -8.60 23.43
CA LEU C 100 4.84 -9.25 24.71
C LEU C 100 3.59 -8.75 25.41
N ASP C 101 3.16 -9.50 26.41
CA ASP C 101 2.10 -9.06 27.32
C ASP C 101 2.74 -8.59 28.62
N PHE C 102 2.13 -7.57 29.22
CA PHE C 102 2.49 -7.16 30.57
C PHE C 102 1.38 -7.62 31.51
N TYR C 103 1.67 -8.60 32.36
CA TYR C 103 0.73 -8.99 33.41
C TYR C 103 0.88 -8.04 34.59
N VAL C 104 -0.18 -7.31 34.90
CA VAL C 104 -0.14 -6.37 36.00
C VAL C 104 -1.15 -6.81 37.07
N LEU C 105 -0.64 -7.20 38.23
CA LEU C 105 -1.49 -7.56 39.36
C LEU C 105 -1.47 -6.40 40.33
N PRO C 106 -2.52 -5.56 40.31
CA PRO C 106 -2.52 -4.23 40.96
C PRO C 106 -2.38 -4.30 42.47
N VAL C 107 -3.04 -5.27 43.08
CA VAL C 107 -2.99 -5.47 44.53
C VAL C 107 -3.04 -6.95 44.88
N LEU C 108 -1.95 -7.50 45.40
CA LEU C 108 -1.94 -8.89 45.81
C LEU C 108 -2.66 -9.05 47.14
N ASN C 109 -2.24 -8.26 48.12
CA ASN C 109 -2.74 -8.38 49.49
C ASN C 109 -3.93 -7.44 49.68
N ILE C 110 -5.05 -7.80 49.07
CA ILE C 110 -6.24 -6.94 49.10
C ILE C 110 -6.83 -6.80 50.51
N ASP C 111 -6.87 -7.90 51.25
CA ASP C 111 -7.44 -7.87 52.60
C ASP C 111 -6.67 -6.90 53.48
N GLY C 112 -5.34 -6.93 53.38
CA GLY C 112 -4.52 -6.05 54.18
C GLY C 112 -4.65 -4.60 53.77
N TYR C 113 -4.78 -4.36 52.47
CA TYR C 113 -4.90 -3.01 51.96
C TYR C 113 -6.19 -2.38 52.47
N ILE C 114 -7.28 -3.13 52.39
CA ILE C 114 -8.55 -2.67 52.94
C ILE C 114 -8.38 -2.32 54.41
N TYR C 115 -7.63 -3.15 55.13
CA TYR C 115 -7.44 -2.95 56.56
C TYR C 115 -6.68 -1.65 56.82
N THR C 116 -5.77 -1.27 55.93
CA THR C 116 -5.01 -0.04 56.13
C THR C 116 -5.88 1.19 55.88
N TRP C 117 -6.98 1.00 55.16
CA TRP C 117 -7.93 2.09 54.90
C TRP C 117 -8.98 2.24 55.99
N THR C 118 -9.40 1.11 56.56
CA THR C 118 -10.49 1.09 57.53
C THR C 118 -10.01 1.20 58.97
N LYS C 119 -8.83 0.65 59.26
CA LYS C 119 -8.38 0.51 60.64
C LYS C 119 -6.94 0.95 60.87
N ASN C 120 -6.00 0.15 60.37
CA ASN C 120 -4.60 0.27 60.79
C ASN C 120 -3.70 0.61 59.61
N ARG C 121 -3.35 1.89 59.48
CA ARG C 121 -2.60 2.37 58.33
C ARG C 121 -1.22 1.70 58.19
N MET C 122 -0.72 1.15 59.29
CA MET C 122 0.60 0.53 59.27
C MET C 122 0.56 -0.99 59.18
N TRP C 123 -0.59 -1.54 58.82
CA TRP C 123 -0.66 -3.00 58.66
C TRP C 123 0.19 -3.45 57.48
N ARG C 124 0.74 -4.65 57.58
CA ARG C 124 1.70 -5.16 56.60
C ARG C 124 1.26 -6.50 56.01
N LYS C 125 0.90 -7.42 56.90
CA LYS C 125 0.68 -8.82 56.53
C LYS C 125 -0.67 -9.04 55.86
N THR C 126 -0.96 -10.31 55.56
CA THR C 126 -2.31 -10.71 55.18
C THR C 126 -3.21 -10.56 56.39
N ARG C 127 -4.46 -11.00 56.27
CA ARG C 127 -5.42 -10.89 57.37
C ARG C 127 -5.96 -12.25 57.81
N SER C 128 -5.24 -13.33 57.47
CA SER C 128 -5.71 -14.66 57.84
C SER C 128 -5.45 -14.99 59.31
N THR C 129 -6.22 -15.96 59.80
CA THR C 129 -6.11 -16.41 61.16
C THR C 129 -4.96 -17.40 61.31
N ASN C 130 -4.39 -17.46 62.49
CA ASN C 130 -3.30 -18.38 62.78
C ASN C 130 -3.71 -19.33 63.90
N ALA C 131 -3.37 -20.60 63.73
CA ALA C 131 -3.84 -21.64 64.65
C ALA C 131 -3.44 -21.36 66.10
N GLY C 132 -4.44 -21.17 66.95
CA GLY C 132 -4.19 -21.18 68.38
C GLY C 132 -3.79 -19.85 69.00
N THR C 133 -3.59 -18.82 68.17
CA THR C 133 -3.24 -17.50 68.69
C THR C 133 -4.21 -16.45 68.16
N THR C 134 -4.31 -15.33 68.86
CA THR C 134 -5.17 -14.24 68.43
C THR C 134 -4.48 -13.39 67.37
N CYS C 135 -3.17 -13.60 67.21
CA CYS C 135 -2.40 -12.80 66.26
C CYS C 135 -2.74 -13.14 64.82
N ILE C 136 -2.89 -12.10 64.00
CA ILE C 136 -3.39 -12.23 62.64
C ILE C 136 -2.28 -12.04 61.62
N GLY C 137 -2.30 -12.85 60.56
CA GLY C 137 -1.58 -12.48 59.36
C GLY C 137 -0.23 -13.15 59.16
N THR C 138 0.13 -13.32 57.89
CA THR C 138 1.42 -13.86 57.49
C THR C 138 2.07 -12.82 56.58
N ASP C 139 3.39 -12.69 56.66
CA ASP C 139 4.10 -11.82 55.72
C ASP C 139 4.14 -12.51 54.36
N PRO C 140 3.41 -11.97 53.37
CA PRO C 140 3.37 -12.66 52.08
C PRO C 140 4.75 -12.80 51.46
N ASN C 141 5.63 -11.84 51.71
CA ASN C 141 6.96 -11.93 51.13
C ASN C 141 7.97 -12.68 52.02
N ARG C 142 7.43 -13.50 52.92
CA ARG C 142 8.23 -14.51 53.61
C ARG C 142 7.62 -15.89 53.39
N ASN C 143 6.61 -15.96 52.51
CA ASN C 143 5.74 -17.14 52.44
C ASN C 143 5.97 -17.97 51.17
N PHE C 144 7.00 -17.62 50.40
CA PHE C 144 7.32 -18.36 49.19
C PHE C 144 8.41 -19.41 49.41
N ASP C 145 8.46 -20.38 48.50
CA ASP C 145 9.33 -21.54 48.66
C ASP C 145 10.74 -21.23 48.16
N ALA C 146 11.37 -20.21 48.76
CA ALA C 146 12.75 -19.87 48.46
C ALA C 146 13.54 -19.85 49.77
N GLY C 147 14.26 -20.93 50.03
CA GLY C 147 14.93 -21.07 51.31
C GLY C 147 13.96 -20.79 52.44
N TRP C 148 12.73 -21.27 52.31
CA TRP C 148 11.63 -20.79 53.13
C TRP C 148 11.93 -20.73 54.63
N CYS C 149 11.80 -19.52 55.17
CA CYS C 149 11.88 -19.24 56.61
C CYS C 149 13.23 -19.48 57.26
N THR C 150 14.28 -19.62 56.45
CA THR C 150 15.58 -19.98 56.99
C THR C 150 16.38 -18.80 57.52
N THR C 151 16.01 -17.59 57.13
CA THR C 151 16.70 -16.40 57.62
C THR C 151 15.84 -15.15 57.49
N GLY C 152 16.06 -14.19 58.38
CA GLY C 152 15.38 -12.90 58.25
C GLY C 152 13.87 -13.02 58.24
N ALA C 153 13.35 -14.00 58.98
CA ALA C 153 11.92 -14.25 59.06
C ALA C 153 11.60 -14.77 60.44
N SER C 154 10.35 -14.61 60.87
CA SER C 154 9.96 -15.05 62.20
C SER C 154 9.02 -16.26 62.13
N THR C 155 9.13 -17.12 63.14
CA THR C 155 8.20 -18.25 63.28
C THR C 155 7.06 -17.90 64.24
N ASP C 156 7.05 -16.65 64.71
CA ASP C 156 6.04 -16.19 65.66
C ASP C 156 4.93 -15.45 64.91
N PRO C 157 3.69 -15.97 64.96
CA PRO C 157 2.61 -15.39 64.17
C PRO C 157 2.27 -13.96 64.56
N CYS C 158 2.79 -13.52 65.70
CA CYS C 158 2.54 -12.16 66.18
C CYS C 158 3.51 -11.16 65.59
N ASP C 159 4.51 -11.63 64.84
CA ASP C 159 5.54 -10.76 64.28
C ASP C 159 5.22 -10.34 62.85
N GLU C 160 5.77 -9.19 62.45
CA GLU C 160 5.51 -8.60 61.14
C GLU C 160 6.09 -9.42 59.99
N THR C 161 7.10 -10.24 60.28
CA THR C 161 7.74 -11.06 59.26
C THR C 161 7.45 -12.54 59.44
N TYR C 162 6.31 -12.87 60.06
CA TYR C 162 5.91 -14.25 60.25
C TYR C 162 5.91 -14.93 58.89
N CYS C 163 6.57 -16.08 58.79
CA CYS C 163 6.73 -16.74 57.50
C CYS C 163 5.57 -17.68 57.18
N GLY C 164 4.66 -17.87 58.13
CA GLY C 164 3.52 -18.74 57.90
C GLY C 164 3.77 -20.15 58.38
N SER C 165 2.76 -21.01 58.24
CA SER C 165 2.85 -22.39 58.72
C SER C 165 3.62 -23.27 57.74
N ALA C 166 3.67 -22.85 56.48
CA ALA C 166 4.40 -23.55 55.45
C ALA C 166 4.44 -22.63 54.24
N ALA C 167 5.37 -22.88 53.31
CA ALA C 167 5.39 -22.11 52.08
C ALA C 167 4.02 -22.18 51.41
N GLU C 168 3.55 -21.03 50.92
CA GLU C 168 2.27 -20.94 50.21
C GLU C 168 1.07 -21.36 51.07
N SER C 169 1.20 -21.19 52.38
CA SER C 169 0.11 -21.45 53.29
C SER C 169 -1.03 -20.43 53.11
N GLU C 170 -0.69 -19.25 52.57
CA GLU C 170 -1.69 -18.21 52.33
C GLU C 170 -2.36 -18.38 50.97
N LYS C 171 -3.67 -18.17 50.91
CA LYS C 171 -4.39 -18.27 49.65
C LYS C 171 -3.79 -17.35 48.59
N GLU C 172 -3.37 -16.16 49.00
CA GLU C 172 -2.91 -15.14 48.06
C GLU C 172 -1.57 -15.50 47.43
N THR C 173 -0.66 -16.03 48.24
CA THR C 173 0.65 -16.41 47.75
C THR C 173 0.58 -17.71 46.96
N LYS C 174 -0.24 -18.65 47.43
CA LYS C 174 -0.47 -19.87 46.66
C LYS C 174 -1.09 -19.54 45.31
N ALA C 175 -2.02 -18.60 45.28
CA ALA C 175 -2.62 -18.17 44.03
C ALA C 175 -1.57 -17.60 43.07
N LEU C 176 -0.69 -16.75 43.59
CA LEU C 176 0.31 -16.11 42.76
C LEU C 176 1.34 -17.13 42.26
N ALA C 177 1.81 -17.98 43.17
CA ALA C 177 2.76 -19.03 42.81
C ALA C 177 2.15 -19.98 41.77
N ASP C 178 0.90 -20.38 41.99
CA ASP C 178 0.20 -21.23 41.03
C ASP C 178 0.15 -20.56 39.65
N PHE C 179 -0.21 -19.28 39.64
CA PHE C 179 -0.34 -18.59 38.36
C PHE C 179 1.00 -18.55 37.62
N ILE C 180 2.06 -18.19 38.33
CA ILE C 180 3.37 -18.10 37.70
C ILE C 180 3.88 -19.45 37.23
N ARG C 181 3.70 -20.48 38.05
CA ARG C 181 4.07 -21.84 37.65
C ARG C 181 3.29 -22.28 36.41
N ASN C 182 2.03 -21.91 36.33
CA ASN C 182 1.19 -22.33 35.22
C ASN C 182 1.45 -21.49 33.97
N ASN C 183 2.22 -20.42 34.12
CA ASN C 183 2.49 -19.52 33.01
C ASN C 183 3.98 -19.24 32.83
N LEU C 184 4.81 -20.16 33.30
CA LEU C 184 6.25 -20.07 33.08
C LEU C 184 6.54 -20.06 31.58
N SER C 185 5.58 -20.55 30.80
CA SER C 185 5.73 -20.62 29.35
C SER C 185 5.90 -19.22 28.75
N SER C 186 5.30 -18.22 29.39
CA SER C 186 5.36 -16.86 28.86
C SER C 186 6.25 -15.93 29.67
N ILE C 187 6.20 -16.05 31.00
CA ILE C 187 6.84 -15.06 31.88
C ILE C 187 8.36 -15.11 31.83
N LYS C 188 8.98 -14.04 31.32
CA LYS C 188 10.42 -13.97 31.17
C LYS C 188 11.08 -12.99 32.13
N ALA C 189 10.27 -12.17 32.79
CA ALA C 189 10.77 -11.28 33.84
C ALA C 189 9.73 -11.10 34.92
N TYR C 190 10.18 -10.99 36.16
CA TYR C 190 9.30 -10.80 37.31
C TYR C 190 9.68 -9.51 38.02
N LEU C 191 8.72 -8.61 38.17
CA LEU C 191 8.95 -7.33 38.84
C LEU C 191 7.94 -7.17 39.97
N THR C 192 8.43 -6.96 41.19
CA THR C 192 7.56 -6.86 42.34
C THR C 192 7.78 -5.52 43.05
N ILE C 193 6.72 -4.74 43.17
CA ILE C 193 6.84 -3.34 43.56
C ILE C 193 6.54 -3.13 45.04
N HIS C 194 7.48 -2.50 45.75
CA HIS C 194 7.36 -2.23 47.18
C HIS C 194 7.75 -0.79 47.48
N SER C 195 7.62 -0.37 48.74
CA SER C 195 8.27 0.82 49.25
C SER C 195 8.62 0.55 50.72
N TYR C 196 9.51 1.34 51.31
CA TYR C 196 10.26 2.40 50.63
C TYR C 196 11.75 2.06 50.72
N SER C 197 12.60 2.89 50.12
CA SER C 197 14.07 2.83 50.25
C SER C 197 14.80 3.32 49.01
N GLN C 198 14.09 3.43 47.90
CA GLN C 198 14.69 3.85 46.64
C GLN C 198 15.84 2.92 46.26
N MET C 199 15.48 1.66 46.01
CA MET C 199 16.43 0.65 45.58
C MET C 199 15.84 -0.23 44.49
N ILE C 200 16.73 -0.81 43.68
CA ILE C 200 16.38 -1.96 42.86
C ILE C 200 17.20 -3.15 43.36
N LEU C 201 16.52 -4.19 43.83
CA LEU C 201 17.22 -5.36 44.34
C LEU C 201 17.04 -6.53 43.38
N TYR C 202 18.09 -7.33 43.22
CA TYR C 202 17.98 -8.60 42.54
C TYR C 202 18.42 -9.73 43.47
N PRO C 203 18.18 -11.00 43.08
CA PRO C 203 18.50 -12.10 44.00
C PRO C 203 19.99 -12.16 44.35
N TYR C 204 20.34 -12.81 45.46
CA TYR C 204 19.40 -13.46 46.37
C TYR C 204 19.27 -12.71 47.69
N SER C 205 18.14 -12.88 48.36
CA SER C 205 17.96 -12.41 49.72
C SER C 205 18.00 -13.55 50.75
N TYR C 206 17.64 -14.76 50.33
CA TYR C 206 17.57 -15.86 51.29
C TYR C 206 18.94 -16.50 51.56
N ASP C 207 19.93 -16.11 50.77
CA ASP C 207 21.29 -16.60 50.95
C ASP C 207 22.26 -15.57 50.38
N TYR C 208 23.50 -15.58 50.84
CA TYR C 208 24.50 -14.64 50.35
C TYR C 208 25.07 -15.04 48.99
N LYS C 209 24.71 -16.23 48.51
CA LYS C 209 25.14 -16.64 47.18
C LYS C 209 24.64 -15.66 46.13
N LEU C 210 25.33 -15.58 45.01
CA LEU C 210 24.94 -14.69 43.92
C LEU C 210 24.31 -15.48 42.79
N PRO C 211 23.37 -14.84 42.06
CA PRO C 211 22.80 -15.48 40.87
C PRO C 211 23.88 -15.65 39.82
N GLU C 212 23.72 -16.65 38.95
CA GLU C 212 24.70 -16.92 37.90
C GLU C 212 24.93 -15.68 37.04
N ASN C 213 23.85 -15.00 36.67
CA ASN C 213 23.97 -13.82 35.81
C ASN C 213 24.04 -12.50 36.57
N ASN C 214 24.78 -12.49 37.68
CA ASN C 214 24.81 -11.32 38.55
C ASN C 214 25.44 -10.10 37.88
N ALA C 215 26.39 -10.33 36.96
CA ALA C 215 26.99 -9.22 36.22
C ALA C 215 25.94 -8.60 35.32
N GLU C 216 25.14 -9.45 34.69
CA GLU C 216 24.05 -8.99 33.83
C GLU C 216 23.03 -8.20 34.65
N LEU C 217 22.60 -8.76 35.78
CA LEU C 217 21.60 -8.12 36.60
C LEU C 217 22.13 -6.82 37.19
N ASN C 218 23.39 -6.80 37.58
CA ASN C 218 23.97 -5.59 38.14
C ASN C 218 24.05 -4.47 37.11
N ASN C 219 24.48 -4.81 35.90
CA ASN C 219 24.54 -3.83 34.81
C ASN C 219 23.15 -3.27 34.49
N LEU C 220 22.16 -4.15 34.50
CA LEU C 220 20.80 -3.75 34.19
C LEU C 220 20.26 -2.82 35.27
N ALA C 221 20.45 -3.19 36.53
CA ALA C 221 19.99 -2.33 37.63
C ALA C 221 20.70 -0.98 37.56
N LYS C 222 21.99 -0.99 37.27
CA LYS C 222 22.77 0.23 37.18
C LYS C 222 22.19 1.17 36.13
N ALA C 223 21.94 0.64 34.95
CA ALA C 223 21.42 1.47 33.87
C ALA C 223 20.00 1.94 34.18
N ALA C 224 19.23 1.08 34.83
CA ALA C 224 17.84 1.41 35.15
C ALA C 224 17.74 2.56 36.15
N VAL C 225 18.61 2.55 37.16
CA VAL C 225 18.57 3.61 38.16
C VAL C 225 19.10 4.92 37.58
N LYS C 226 20.04 4.82 36.65
CA LYS C 226 20.51 5.99 35.92
C LYS C 226 19.36 6.62 35.11
N GLU C 227 18.61 5.77 34.40
CA GLU C 227 17.46 6.22 33.63
C GLU C 227 16.42 6.90 34.54
N LEU C 228 16.23 6.35 35.73
CA LEU C 228 15.22 6.87 36.66
C LEU C 228 15.62 8.27 37.13
N ALA C 229 16.92 8.47 37.36
CA ALA C 229 17.42 9.72 37.91
C ALA C 229 17.32 10.90 36.94
N THR C 230 17.15 10.62 35.65
CA THR C 230 17.17 11.68 34.65
C THR C 230 15.98 12.61 34.76
N LEU C 231 14.91 12.17 35.41
CA LEU C 231 13.69 12.95 35.43
C LEU C 231 13.71 14.00 36.54
N TYR C 232 13.87 13.56 37.78
CA TYR C 232 13.82 14.46 38.94
C TYR C 232 15.08 14.40 39.79
N GLY C 233 16.04 13.58 39.38
CA GLY C 233 17.30 13.49 40.10
C GLY C 233 17.25 12.55 41.30
N THR C 234 16.21 11.73 41.37
CA THR C 234 16.03 10.82 42.50
C THR C 234 17.10 9.73 42.47
N LYS C 235 17.78 9.53 43.59
CA LYS C 235 18.90 8.59 43.66
C LYS C 235 18.48 7.23 44.21
N TYR C 236 18.58 6.21 43.36
CA TYR C 236 18.36 4.82 43.77
C TYR C 236 19.71 4.12 43.93
N THR C 237 19.77 3.18 44.86
CA THR C 237 20.88 2.23 44.92
C THR C 237 20.39 0.86 44.50
N TYR C 238 21.30 -0.09 44.40
CA TYR C 238 20.96 -1.40 43.85
C TYR C 238 21.98 -2.48 44.20
N GLY C 239 21.56 -3.73 44.03
CA GLY C 239 22.45 -4.84 44.31
C GLY C 239 21.66 -6.07 44.73
N PRO C 240 22.35 -7.16 45.06
CA PRO C 240 21.71 -8.36 45.60
C PRO C 240 21.04 -8.04 46.94
N GLY C 241 19.86 -8.63 47.15
CA GLY C 241 19.05 -8.24 48.29
C GLY C 241 19.71 -8.46 49.63
N ALA C 242 20.40 -9.59 49.78
CA ALA C 242 20.90 -10.00 51.08
C ALA C 242 21.88 -8.99 51.67
N THR C 243 22.71 -8.41 50.80
CA THR C 243 23.79 -7.53 51.26
C THR C 243 23.48 -6.06 51.04
N THR C 244 22.45 -5.78 50.24
CA THR C 244 22.12 -4.42 49.88
C THR C 244 21.11 -3.83 50.86
N ILE C 245 20.22 -4.66 51.40
CA ILE C 245 19.28 -4.19 52.38
C ILE C 245 19.23 -5.05 53.64
N TYR C 246 18.92 -6.34 53.48
CA TYR C 246 19.08 -7.32 54.55
C TYR C 246 18.73 -8.72 54.08
N PRO C 247 19.30 -9.75 54.73
CA PRO C 247 18.90 -11.12 54.40
C PRO C 247 17.46 -11.37 54.81
N ALA C 248 16.73 -12.10 53.98
CA ALA C 248 15.34 -12.45 54.27
C ALA C 248 14.90 -13.53 53.29
N ALA C 249 14.44 -14.66 53.83
CA ALA C 249 14.07 -15.81 53.01
C ALA C 249 12.59 -15.75 52.64
N GLY C 250 12.19 -16.59 51.69
CA GLY C 250 10.78 -16.72 51.36
C GLY C 250 10.19 -15.64 50.48
N GLY C 251 11.04 -14.83 49.85
CA GLY C 251 10.54 -13.74 49.02
C GLY C 251 10.21 -14.19 47.60
N SER C 252 9.26 -13.51 46.96
CA SER C 252 8.79 -13.93 45.64
C SER C 252 9.82 -13.71 44.53
N ASP C 253 10.67 -12.69 44.69
CA ASP C 253 11.67 -12.43 43.67
C ASP C 253 12.70 -13.55 43.58
N ASP C 254 13.13 -14.05 44.74
CA ASP C 254 14.06 -15.17 44.77
C ASP C 254 13.39 -16.43 44.26
N TRP C 255 12.13 -16.63 44.63
CA TRP C 255 11.39 -17.80 44.18
C TRP C 255 11.21 -17.80 42.67
N ALA C 256 10.82 -16.66 42.11
CA ALA C 256 10.60 -16.55 40.68
C ALA C 256 11.91 -16.82 39.95
N TYR C 257 13.01 -16.29 40.48
CA TYR C 257 14.30 -16.49 39.85
C TYR C 257 14.67 -17.97 39.79
N ASP C 258 14.42 -18.69 40.88
CA ASP C 258 14.75 -20.10 40.95
C ASP C 258 13.80 -20.96 40.12
N GLN C 259 12.72 -20.35 39.63
CA GLN C 259 11.85 -21.00 38.66
C GLN C 259 12.42 -20.86 37.25
N GLY C 260 13.50 -20.11 37.13
CA GLY C 260 14.15 -19.93 35.83
C GLY C 260 13.87 -18.59 35.19
N ILE C 261 13.13 -17.73 35.89
CA ILE C 261 12.87 -16.37 35.41
C ILE C 261 14.09 -15.51 35.74
N LYS C 262 14.99 -15.36 34.79
CA LYS C 262 16.33 -14.87 35.12
C LYS C 262 16.41 -13.35 35.30
N TYR C 263 15.33 -12.66 34.99
CA TYR C 263 15.24 -11.24 35.28
C TYR C 263 14.17 -11.02 36.34
N SER C 264 14.61 -10.92 37.58
CA SER C 264 13.70 -10.81 38.72
C SER C 264 14.19 -9.69 39.64
N PHE C 265 13.33 -8.71 39.86
CA PHE C 265 13.71 -7.51 40.60
C PHE C 265 12.66 -7.13 41.64
N THR C 266 13.11 -6.71 42.81
CA THR C 266 12.24 -6.02 43.75
C THR C 266 12.53 -4.52 43.68
N PHE C 267 11.49 -3.74 43.43
CA PHE C 267 11.61 -2.28 43.42
C PHE C 267 11.17 -1.73 44.77
N GLU C 268 12.00 -0.88 45.36
CA GLU C 268 11.60 -0.12 46.54
C GLU C 268 11.52 1.34 46.14
N LEU C 269 10.31 1.89 46.09
CA LEU C 269 10.10 3.25 45.61
C LEU C 269 10.38 4.29 46.70
N ARG C 270 10.03 5.55 46.44
CA ARG C 270 10.26 6.63 47.42
C ARG C 270 9.56 6.35 48.76
N ASP C 271 10.05 6.94 49.84
CA ASP C 271 11.28 7.72 49.80
C ASP C 271 12.41 7.00 50.53
N LYS C 272 13.23 7.75 51.25
CA LYS C 272 14.32 7.14 52.01
C LYS C 272 14.04 7.12 53.50
N GLY C 273 12.83 7.51 53.88
CA GLY C 273 12.44 7.40 55.28
C GLY C 273 11.86 8.66 55.91
N ARG C 274 11.94 9.78 55.21
CA ARG C 274 11.38 11.02 55.75
C ARG C 274 9.88 10.84 55.99
N TYR C 275 9.16 10.38 54.97
CA TYR C 275 7.75 10.03 55.13
C TYR C 275 7.54 8.52 55.19
N GLY C 276 8.51 7.77 54.67
CA GLY C 276 8.41 6.31 54.70
C GLY C 276 7.19 5.79 53.95
N PHE C 277 6.36 5.00 54.64
CA PHE C 277 5.19 4.40 54.03
C PHE C 277 4.08 5.42 53.79
N ILE C 278 4.11 6.52 54.54
CA ILE C 278 3.07 7.53 54.42
C ILE C 278 3.50 8.62 53.44
N LEU C 279 3.81 8.21 52.22
CA LEU C 279 4.28 9.15 51.20
C LEU C 279 3.14 10.08 50.81
N PRO C 280 3.40 11.39 50.79
CA PRO C 280 2.39 12.39 50.40
C PRO C 280 1.84 12.14 49.01
N GLU C 281 0.53 12.31 48.85
CA GLU C 281 -0.12 12.11 47.56
C GLU C 281 0.52 13.01 46.51
N SER C 282 1.03 14.15 46.96
CA SER C 282 1.63 15.14 46.06
C SER C 282 2.92 14.62 45.42
N GLN C 283 3.44 13.51 45.93
CA GLN C 283 4.62 12.89 45.35
C GLN C 283 4.29 11.70 44.45
N ILE C 284 3.00 11.35 44.37
CA ILE C 284 2.60 10.17 43.59
C ILE C 284 3.02 10.30 42.13
N GLN C 285 2.63 11.39 41.47
CA GLN C 285 2.88 11.55 40.04
C GLN C 285 4.38 11.46 39.72
N ALA C 286 5.18 12.27 40.40
CA ALA C 286 6.62 12.28 40.14
C ALA C 286 7.23 10.91 40.38
N THR C 287 6.81 10.26 41.46
CA THR C 287 7.35 8.95 41.81
C THR C 287 7.04 7.95 40.71
N CYS C 288 5.80 7.93 40.25
CA CYS C 288 5.40 6.98 39.21
C CYS C 288 6.09 7.29 37.87
N GLU C 289 6.21 8.57 37.53
CA GLU C 289 6.83 8.94 36.27
C GLU C 289 8.29 8.52 36.17
N GLU C 290 9.06 8.72 37.24
CA GLU C 290 10.46 8.35 37.22
C GLU C 290 10.62 6.83 37.25
N THR C 291 9.75 6.16 37.97
CA THR C 291 9.81 4.70 38.07
C THR C 291 9.51 4.08 36.72
N MET C 292 8.61 4.70 35.96
CA MET C 292 8.29 4.22 34.62
C MET C 292 9.53 4.08 33.76
N LEU C 293 10.48 4.99 33.94
CA LEU C 293 11.68 5.00 33.12
C LEU C 293 12.56 3.79 33.41
N ALA C 294 12.61 3.39 34.68
CA ALA C 294 13.38 2.20 35.05
C ALA C 294 12.67 0.96 34.53
N ILE C 295 11.36 0.91 34.71
CA ILE C 295 10.58 -0.26 34.28
C ILE C 295 10.71 -0.44 32.76
N LYS C 296 10.59 0.65 32.01
CA LYS C 296 10.70 0.58 30.56
C LYS C 296 12.12 0.23 30.09
N TYR C 297 13.14 0.65 30.84
CA TYR C 297 14.50 0.30 30.45
C TYR C 297 14.71 -1.20 30.60
N VAL C 298 14.23 -1.74 31.71
CA VAL C 298 14.33 -3.17 31.96
C VAL C 298 13.54 -3.94 30.92
N THR C 299 12.34 -3.45 30.60
CA THR C 299 11.48 -4.12 29.63
C THR C 299 12.15 -4.18 28.26
N ASN C 300 12.78 -3.08 27.86
CA ASN C 300 13.42 -3.01 26.56
C ASN C 300 14.56 -4.03 26.47
N TYR C 301 15.27 -4.21 27.58
CA TYR C 301 16.35 -5.18 27.60
C TYR C 301 15.82 -6.61 27.48
N VAL C 302 14.81 -6.94 28.29
CA VAL C 302 14.24 -8.28 28.28
C VAL C 302 13.68 -8.61 26.90
N LEU C 303 13.13 -7.61 26.24
CA LEU C 303 12.56 -7.78 24.91
C LEU C 303 13.61 -8.41 23.99
N GLY C 304 14.86 -8.00 24.16
CA GLY C 304 15.92 -8.52 23.31
C GLY C 304 16.68 -9.69 23.91
N HIS C 305 16.17 -10.26 25.00
CA HIS C 305 16.83 -11.37 25.65
C HIS C 305 15.83 -12.39 26.18
N LEU C 306 14.85 -12.75 25.34
CA LEU C 306 13.79 -13.65 25.73
C LEU C 306 14.24 -15.11 25.72
ZN ZN D . -7.76 10.57 -32.37
C49 343 E . 1.16 14.84 -30.46
C50 343 E . 1.25 15.82 -31.49
C51 343 E . 0.52 17.04 -31.37
C52 343 E . -0.30 17.27 -30.23
C53 343 E . -0.38 16.29 -29.21
C48 343 E . 0.34 15.08 -29.32
C47 343 E . 0.20 14.08 -28.36
O46 343 E . -0.34 12.81 -28.79
C44 343 E . -0.25 11.74 -27.92
O45 343 E . 0.09 11.90 -26.75
N43 343 E . -0.60 10.54 -28.42
C34 343 E . -1.08 10.36 -29.81
C35 343 E . -1.10 8.87 -30.20
C36 343 E . 0.27 8.20 -30.02
C37 343 E . 1.28 8.34 -31.00
C38 343 E . 2.54 7.70 -30.83
C41 343 E . 2.78 6.91 -29.67
O42 343 E . 3.98 6.30 -29.51
C40 343 E . 1.78 6.79 -28.68
C39 343 E . 0.52 7.42 -28.86
C32 343 E . -2.52 10.92 -29.90
O33 343 E . -3.32 10.72 -28.98
N31 343 E . -2.78 11.66 -30.99
C27 343 E . -4.12 12.25 -31.19
C28 343 E . -4.06 13.80 -31.34
C30 343 E . -3.03 14.25 -32.38
C29 343 E . -3.76 14.44 -29.98
P24 343 E . -4.99 11.40 -32.55
O25 343 E . -6.32 12.02 -32.71
O26 343 E . -4.94 9.96 -32.23
O23 343 E . -4.14 11.64 -33.89
C1 343 E . -4.49 10.82 -35.01
C2 343 E . -3.78 9.44 -34.92
O14 343 E . -4.43 8.44 -35.26
O13 343 E . -2.61 9.42 -34.47
C3 343 E . -4.20 11.53 -36.37
C8 343 E . -4.31 10.76 -37.55
C4 343 E . -3.83 12.90 -36.45
C5 343 E . -3.57 13.49 -37.73
C6 343 E . -3.68 12.71 -38.92
C7 343 E . -4.05 11.33 -38.82
N9 343 E . -4.20 10.57 -39.92
C10 343 E . -3.45 9.47 -40.14
N12 343 E . -2.43 9.14 -39.34
N11 343 E . -3.67 8.73 -41.22
ZN ZN F . 6.30 0.08 1.08
C49 343 G . 7.78 3.15 10.67
C50 343 G . 8.90 2.40 11.11
C51 343 G . 10.20 2.78 10.70
C52 343 G . 10.38 3.90 9.84
C53 343 G . 9.26 4.64 9.40
C48 343 G . 7.96 4.27 9.81
C47 343 G . 6.85 4.97 9.35
O46 343 G . 5.87 4.25 8.57
C44 343 G . 4.69 4.91 8.29
O45 343 G . 4.54 6.09 8.61
N43 343 G . 3.74 4.21 7.64
C34 343 G . 3.95 2.79 7.22
C35 343 G . 2.61 2.12 6.89
C36 343 G . 1.77 1.89 8.16
C37 343 G . 2.11 0.87 9.07
C38 343 G . 1.32 0.67 10.24
C41 343 G . 0.20 1.50 10.49
O42 343 G . -0.55 1.30 11.61
C40 343 G . -0.15 2.52 9.58
C39 343 G . 0.64 2.72 8.41
C32 343 G . 4.85 2.79 5.98
O33 343 G . 4.67 3.60 5.07
N31 343 G . 5.83 1.88 6.00
C27 343 G . 6.77 1.74 4.88
C28 343 G . 8.23 1.93 5.34
C30 343 G . 8.64 0.97 6.46
C29 343 G . 8.45 3.39 5.78
P24 343 G . 6.45 0.19 3.94
O25 343 G . 7.41 0.13 2.82
O26 343 G . 4.99 0.20 3.63
O23 343 G . 6.75 -1.02 4.95
C1 343 G . 6.33 -2.33 4.53
C2 343 G . 4.83 -2.53 4.84
O14 343 G . 4.16 -3.14 3.99
O13 343 G . 4.38 -2.02 5.91
C3 343 G . 7.19 -3.47 5.14
C8 343 G . 6.75 -4.80 4.96
C4 343 G . 8.40 -3.24 5.84
C5 343 G . 9.15 -4.33 6.34
C6 343 G . 8.69 -5.68 6.16
C7 343 G . 7.48 -5.90 5.46
N9 343 G . 7.00 -7.15 5.23
C10 343 G . 5.77 -7.57 5.67
N12 343 G . 5.01 -6.79 6.43
N11 343 G . 5.35 -8.79 5.37
ZN ZN H . 7.21 -4.39 50.95
C49 343 I . 14.89 -1.20 56.74
C50 343 I . 15.94 -1.06 55.79
C51 343 I . 15.98 0.07 54.94
C52 343 I . 14.98 1.07 55.03
C53 343 I . 13.93 0.94 55.98
C48 343 I . 13.88 -0.20 56.82
C47 343 I . 12.82 -0.37 57.71
O46 343 I . 11.97 -1.51 57.51
C44 343 I . 11.00 -1.74 58.47
O45 343 I . 10.77 -0.91 59.35
N43 343 I . 10.30 -2.89 58.35
C34 343 I . 10.54 -3.85 57.23
C35 343 I . 9.90 -5.21 57.55
C36 343 I . 10.47 -5.83 58.84
C37 343 I . 11.77 -6.40 58.85
C38 343 I . 12.28 -6.98 60.05
C41 343 I . 11.47 -7.00 61.22
O42 343 I . 11.97 -7.55 62.36
C40 343 I . 10.18 -6.43 61.21
C39 343 I . 9.68 -5.84 60.02
C32 343 I . 9.89 -3.28 55.97
O33 343 I . 8.78 -2.75 56.02
N31 343 I . 10.63 -3.36 54.86
C27 343 I . 10.12 -2.83 53.58
C28 343 I . 11.03 -1.72 53.00
C30 343 I . 12.49 -2.16 52.92
C29 343 I . 10.91 -0.44 53.85
P24 343 I . 9.72 -4.20 52.42
O25 343 I . 9.15 -3.63 51.18
O26 343 I . 8.90 -5.14 53.22
O23 343 I . 11.11 -4.91 52.06
C1 343 I . 11.02 -6.20 51.41
C2 343 I . 10.76 -7.31 52.47
O14 343 I . 9.99 -8.25 52.13
O13 343 I . 11.30 -7.18 53.59
C3 343 I . 12.25 -6.53 50.53
C8 343 I . 12.37 -7.82 49.98
C4 343 I . 13.22 -5.55 50.19
C5 343 I . 14.29 -5.88 49.31
C6 343 I . 14.40 -7.18 48.77
C7 343 I . 13.42 -8.17 49.11
N9 343 I . 13.45 -9.41 48.58
C10 343 I . 13.46 -10.54 49.34
N12 343 I . 13.56 -10.51 50.67
N11 343 I . 13.44 -11.72 48.72
#